data_7U4H
#
_entry.id   7U4H
#
_cell.length_a   175.790
_cell.length_b   175.790
_cell.length_c   339.700
_cell.angle_alpha   90.000
_cell.angle_beta   90.000
_cell.angle_gamma   120.000
#
_symmetry.space_group_name_H-M   'H 3 2'
#
loop_
_entity.id
_entity.type
_entity.pdbx_description
1 polymer 'Penicillin-binding protein 1A (Pbp1a)'
2 non-polymer 'MAGNESIUM ION'
3 non-polymer 1,2-ETHANEDIOL
4 non-polymer '4-(2-HYDROXYETHYL)-1-PIPERAZINE ETHANESULFONIC ACID'
5 non-polymer 'CHLORIDE ION'
6 water water
#
_entity_poly.entity_id   1
_entity_poly.type   'polypeptide(L)'
_entity_poly.pdbx_seq_one_letter_code
;SMKDAPIINASKMNELMIQSSTILDRNENLVEKIENLENRTIVKLSDVPEHLINAFISTEDERFYSHKGVDPIGIAKSLI
DTARGRIRGGSTIAQQLARNMYLSNERKIERKLKEAYLAIKITDSIKREGVLEAYLNRVFLGQHSYGVQSASQGYFSKDV
KDLTIAESALLAAIVQSPTNYSLYKTIKPENVSDESAVIKDLNIGGQVYKAVYNPKVLDRQKYVLKKMYELKKITKEEYN
NAVNEDVFSAINPNKGFEREVSTYFTEYVKYQVAEKLMKKFNYTKEEAWDKIYNGGLTIHSTMDQNIQKNLEKLYADFAN
AMNAPRYGGPSFAAFKRDRASNITDEKGNIILYKKANLLDENNNVIIPKGEFSIDSDNSLKINSQRVSIYQNVLSMASFY
TVNDQNNLVTHGIGNFQLPEQGVTVENEKSFKISASVFENYKDFYSVNENGNLVLNSKYFQVDEKGTVQPQSSSVVLDHK
TGQLIAIIGGRETTGHPLNRAYRVPRQPGSTMKPLGVYIPALDNGYTAATAIEDAPHYNDKKELWPKNWYNGYRGLQTLR
ESLVQSINVNAVKTLEDIGIEKSKEYFKKFGLINEDNELDDTYVSRSESVDHNDENLSSMALGGMTRGMTNLKMTGAYAA
IANDGRYNEPISFTKVVDSTGKTILEPEQKQRQVTSKENAFIMRDILKGVPDVMAHGAKHPTIEVSGKTGTTDDVQDSWF
VGFTPYYTIGTWIGFDNQHIKLNNNNSMAATLWGKVNRIVLEGKEPKKFDGPSENIIRKYVSIRTGLLATEGTEKAIYEY
FVKGTEPTKYEEIYYIAYKIDKRNGKLATDKTPEEFIEEKKFYIKPNVYKPEKTDYGPSDFINPPPTEESDIVDKPKEEE
KPKTNTKPKTNDTSNKNDKDKDKDKDKDKDKNTEKDKNKNP
;
_entity_poly.pdbx_strand_id   A,B
#
loop_
_chem_comp.id
_chem_comp.type
_chem_comp.name
_chem_comp.formula
CL non-polymer 'CHLORIDE ION' 'Cl -1'
EDO non-polymer 1,2-ETHANEDIOL 'C2 H6 O2'
EPE non-polymer '4-(2-HYDROXYETHYL)-1-PIPERAZINE ETHANESULFONIC ACID' 'C8 H18 N2 O4 S'
MG non-polymer 'MAGNESIUM ION' 'Mg 2'
#
# COMPACT_ATOMS: atom_id res chain seq x y z
N ILE A 18 7.05 -3.03 14.50
CA ILE A 18 7.53 -3.02 15.87
C ILE A 18 7.03 -1.77 16.60
N GLN A 19 7.37 -0.60 16.05
CA GLN A 19 6.96 0.67 16.64
C GLN A 19 5.45 0.81 16.62
N SER A 20 4.94 1.65 17.51
CA SER A 20 3.51 1.92 17.62
C SER A 20 3.20 3.30 17.05
N SER A 21 2.00 3.45 16.50
CA SER A 21 1.60 4.71 15.89
C SER A 21 1.13 5.71 16.95
N THR A 22 1.50 6.97 16.76
CA THR A 22 1.22 8.00 17.75
C THR A 22 0.63 9.24 17.09
N ILE A 23 -0.21 9.93 17.86
CA ILE A 23 -0.73 11.24 17.50
C ILE A 23 -0.11 12.25 18.44
N LEU A 24 0.36 13.36 17.89
CA LEU A 24 0.93 14.45 18.67
C LEU A 24 0.00 15.65 18.62
N ASP A 25 0.30 16.65 19.43
CA ASP A 25 -0.42 17.91 19.39
C ASP A 25 0.35 18.90 18.51
N ARG A 26 -0.14 20.13 18.44
CA ARG A 26 0.54 21.13 17.62
C ARG A 26 1.89 21.54 18.19
N ASN A 27 2.29 20.98 19.34
CA ASN A 27 3.58 21.29 19.95
C ASN A 27 4.43 20.03 20.15
N GLU A 28 4.12 18.96 19.39
CA GLU A 28 4.89 17.73 19.31
C GLU A 28 4.73 16.85 20.56
N ASN A 29 3.79 17.17 21.44
CA ASN A 29 3.60 16.39 22.64
C ASN A 29 2.70 15.19 22.37
N LEU A 30 3.00 14.07 23.01
CA LEU A 30 2.24 12.85 22.76
C LEU A 30 0.82 12.98 23.30
N VAL A 31 -0.15 12.53 22.50
CA VAL A 31 -1.56 12.71 22.82
C VAL A 31 -2.27 11.37 22.79
N GLU A 32 -1.88 10.50 21.86
CA GLU A 32 -2.45 9.15 21.83
C GLU A 32 -1.44 8.16 21.27
N LYS A 33 -1.38 6.98 21.86
CA LYS A 33 -0.72 5.82 21.27
C LYS A 33 -1.82 4.97 20.63
N ILE A 34 -1.80 4.87 19.31
CA ILE A 34 -2.89 4.24 18.57
C ILE A 34 -2.78 2.73 18.74
N GLU A 35 -3.87 2.11 19.20
CA GLU A 35 -3.96 0.66 19.28
C GLU A 35 -5.33 0.22 18.78
N ASN A 36 -5.38 -1.00 18.26
CA ASN A 36 -6.60 -1.54 17.69
C ASN A 36 -7.48 -2.10 18.81
N LEU A 37 -8.69 -1.57 18.94
CA LEU A 37 -9.60 -1.94 20.02
C LEU A 37 -10.95 -2.37 19.45
N GLU A 38 -10.92 -3.14 18.37
CA GLU A 38 -12.14 -3.63 17.73
C GLU A 38 -12.15 -5.16 17.65
N PHE A 257 -0.66 4.72 26.47
CA PHE A 257 -0.44 5.30 27.79
C PHE A 257 -1.71 5.94 28.32
N GLU A 258 -1.61 6.73 29.39
CA GLU A 258 -2.77 7.37 30.00
C GLU A 258 -3.17 8.57 29.15
N ARG A 259 -4.31 8.46 28.46
CA ARG A 259 -4.86 9.59 27.74
C ARG A 259 -5.12 10.76 28.68
N GLU A 260 -4.92 11.96 28.17
CA GLU A 260 -5.21 13.17 28.93
C GLU A 260 -6.32 14.00 28.32
N VAL A 261 -6.82 13.64 27.14
CA VAL A 261 -7.95 14.30 26.50
C VAL A 261 -8.93 13.24 26.03
N SER A 262 -10.18 13.66 25.88
CA SER A 262 -11.21 12.76 25.37
C SER A 262 -10.91 12.38 23.93
N THR A 263 -11.61 11.35 23.45
CA THR A 263 -11.36 10.85 22.11
C THR A 263 -11.92 11.74 21.00
N TYR A 264 -12.54 12.88 21.34
CA TYR A 264 -13.18 13.71 20.32
C TYR A 264 -12.19 14.14 19.24
N PHE A 265 -11.12 14.84 19.64
CA PHE A 265 -10.19 15.38 18.65
C PHE A 265 -9.42 14.27 17.96
N THR A 266 -8.87 13.33 18.73
CA THR A 266 -8.02 12.30 18.14
C THR A 266 -8.78 11.40 17.19
N GLU A 267 -10.07 11.17 17.45
CA GLU A 267 -10.87 10.37 16.53
C GLU A 267 -10.96 11.02 15.15
N TYR A 268 -11.22 12.34 15.11
CA TYR A 268 -11.33 13.01 13.82
C TYR A 268 -9.98 13.07 13.10
N VAL A 269 -8.88 13.19 13.84
CA VAL A 269 -7.56 13.11 13.22
C VAL A 269 -7.44 11.79 12.47
N LYS A 270 -7.70 10.68 13.15
CA LYS A 270 -7.60 9.37 12.51
C LYS A 270 -8.60 9.23 11.37
N TYR A 271 -9.81 9.75 11.55
CA TYR A 271 -10.79 9.75 10.45
C TYR A 271 -10.24 10.49 9.25
N GLN A 272 -9.74 11.72 9.46
CA GLN A 272 -9.28 12.54 8.35
C GLN A 272 -8.01 11.97 7.74
N VAL A 273 -7.10 11.49 8.57
CA VAL A 273 -5.89 10.84 8.06
C VAL A 273 -6.25 9.65 7.17
N ALA A 274 -7.27 8.88 7.57
CA ALA A 274 -7.68 7.73 6.78
C ALA A 274 -8.23 8.16 5.42
N GLU A 275 -9.08 9.18 5.39
CA GLU A 275 -9.59 9.69 4.13
C GLU A 275 -8.45 10.17 3.24
N LYS A 276 -7.56 10.99 3.79
CA LYS A 276 -6.45 11.50 2.99
C LYS A 276 -5.50 10.39 2.56
N LEU A 277 -5.41 9.31 3.35
CA LEU A 277 -4.59 8.16 2.95
C LEU A 277 -5.21 7.40 1.80
N MET A 278 -6.54 7.22 1.83
CA MET A 278 -7.20 6.53 0.72
C MET A 278 -7.05 7.33 -0.57
N LYS A 279 -7.24 8.64 -0.51
CA LYS A 279 -7.13 9.46 -1.71
C LYS A 279 -5.73 9.37 -2.30
N LYS A 280 -4.70 9.43 -1.45
CA LYS A 280 -3.33 9.49 -1.97
C LYS A 280 -2.88 8.15 -2.53
N PHE A 281 -3.11 7.07 -1.80
CA PHE A 281 -2.55 5.78 -2.15
C PHE A 281 -3.57 4.82 -2.74
N ASN A 282 -4.81 5.26 -2.94
CA ASN A 282 -5.89 4.41 -3.44
C ASN A 282 -6.12 3.23 -2.51
N TYR A 283 -5.96 3.45 -1.21
CA TYR A 283 -6.25 2.46 -0.19
C TYR A 283 -7.76 2.32 0.00
N THR A 284 -8.16 1.17 0.52
CA THR A 284 -9.53 0.99 0.97
C THR A 284 -9.64 1.43 2.43
N LYS A 285 -10.87 1.42 2.95
CA LYS A 285 -11.05 1.76 4.36
C LYS A 285 -10.23 0.85 5.25
N GLU A 286 -10.22 -0.45 4.94
CA GLU A 286 -9.43 -1.41 5.71
C GLU A 286 -7.94 -1.21 5.50
N GLU A 287 -7.53 -1.03 4.23
CA GLU A 287 -6.11 -0.86 3.92
C GLU A 287 -5.55 0.40 4.57
N ALA A 288 -6.32 1.49 4.55
CA ALA A 288 -5.84 2.73 5.15
C ALA A 288 -5.74 2.60 6.66
N TRP A 289 -6.70 1.90 7.28
CA TRP A 289 -6.66 1.75 8.73
C TRP A 289 -5.57 0.76 9.17
N ASP A 290 -5.29 -0.26 8.36
CA ASP A 290 -4.16 -1.12 8.66
C ASP A 290 -2.86 -0.33 8.70
N LYS A 291 -2.75 0.72 7.88
CA LYS A 291 -1.55 1.55 7.90
C LYS A 291 -1.51 2.42 9.14
N ILE A 292 -2.68 2.93 9.56
CA ILE A 292 -2.73 3.73 10.78
C ILE A 292 -2.41 2.87 12.00
N TYR A 293 -2.94 1.65 12.03
CA TYR A 293 -2.77 0.79 13.21
C TYR A 293 -1.34 0.28 13.32
N ASN A 294 -0.80 -0.27 12.24
CA ASN A 294 0.44 -1.03 12.29
C ASN A 294 1.56 -0.43 11.44
N GLY A 295 1.41 0.80 10.95
CA GLY A 295 2.42 1.35 10.08
C GLY A 295 3.50 2.16 10.78
N GLY A 296 3.46 2.23 12.10
CA GLY A 296 4.45 3.04 12.83
C GLY A 296 4.43 4.49 12.44
N LEU A 297 3.24 5.08 12.31
CA LEU A 297 3.09 6.44 11.83
C LEU A 297 3.03 7.41 13.01
N THR A 298 3.61 8.58 12.81
CA THR A 298 3.53 9.67 13.78
C THR A 298 2.73 10.79 13.14
N ILE A 299 1.55 11.07 13.68
CA ILE A 299 0.63 12.05 13.12
C ILE A 299 0.79 13.34 13.89
N HIS A 300 1.24 14.39 13.20
CA HIS A 300 1.41 15.71 13.80
C HIS A 300 0.09 16.46 13.66
N SER A 301 -0.78 16.31 14.67
CA SER A 301 -2.08 16.95 14.62
C SER A 301 -1.98 18.44 14.94
N THR A 302 -3.07 19.16 14.71
CA THR A 302 -3.13 20.59 14.93
C THR A 302 -3.65 20.96 16.33
N MET A 303 -3.87 19.97 17.19
CA MET A 303 -4.55 20.22 18.46
C MET A 303 -3.73 21.12 19.37
N ASP A 304 -4.40 22.08 20.00
CA ASP A 304 -3.84 22.82 21.10
C ASP A 304 -4.34 22.13 22.37
N GLN A 305 -3.44 21.38 23.02
CA GLN A 305 -3.88 20.48 24.08
C GLN A 305 -4.47 21.24 25.26
N ASN A 306 -3.90 22.39 25.60
CA ASN A 306 -4.42 23.15 26.74
C ASN A 306 -5.83 23.66 26.47
N ILE A 307 -6.07 24.18 25.26
CA ILE A 307 -7.41 24.63 24.92
C ILE A 307 -8.38 23.45 24.90
N GLN A 308 -7.95 22.34 24.29
CA GLN A 308 -8.77 21.13 24.26
C GLN A 308 -9.06 20.61 25.68
N LYS A 309 -8.01 20.55 26.52
CA LYS A 309 -8.19 20.12 27.90
C LYS A 309 -9.15 21.04 28.64
N ASN A 310 -8.94 22.35 28.53
CA ASN A 310 -9.75 23.29 29.29
C ASN A 310 -11.20 23.29 28.81
N LEU A 311 -11.41 23.16 27.50
CA LEU A 311 -12.79 23.11 27.00
C LEU A 311 -13.50 21.85 27.50
N GLU A 312 -12.75 20.77 27.71
CA GLU A 312 -13.35 19.57 28.28
C GLU A 312 -13.70 19.76 29.75
N LYS A 313 -12.90 20.55 30.47
CA LYS A 313 -13.29 20.95 31.83
C LYS A 313 -14.66 21.59 31.82
N LEU A 314 -14.89 22.53 30.90
CA LEU A 314 -16.17 23.22 30.83
C LEU A 314 -17.29 22.25 30.49
N TYR A 315 -17.07 21.38 29.52
CA TYR A 315 -18.13 20.46 29.11
C TYR A 315 -18.39 19.40 30.17
N ALA A 316 -17.35 18.97 30.90
CA ALA A 316 -17.56 18.07 32.02
C ALA A 316 -18.39 18.73 33.10
N ASP A 317 -18.29 20.05 33.23
CA ASP A 317 -19.06 20.82 34.20
C ASP A 317 -20.23 21.55 33.56
N PHE A 318 -20.80 20.97 32.49
CA PHE A 318 -21.85 21.64 31.74
C PHE A 318 -23.03 22.03 32.64
N ALA A 319 -23.43 21.14 33.55
CA ALA A 319 -24.62 21.39 34.35
C ALA A 319 -24.43 22.58 35.27
N ASN A 320 -23.22 22.74 35.81
CA ASN A 320 -22.97 23.81 36.76
C ASN A 320 -22.71 25.13 36.05
N ALA A 321 -22.00 25.10 34.92
CA ALA A 321 -21.68 26.31 34.19
C ALA A 321 -22.93 26.96 33.61
N MET A 322 -23.85 26.16 33.08
CA MET A 322 -25.06 26.68 32.45
C MET A 322 -26.20 26.89 33.44
N ASN A 323 -25.94 26.77 34.75
CA ASN A 323 -26.94 26.99 35.81
C ASN A 323 -28.15 26.09 35.61
N ALA A 324 -27.90 24.80 35.40
CA ALA A 324 -28.97 23.83 35.21
C ALA A 324 -29.87 23.78 36.45
N PRO A 325 -31.16 24.07 36.31
CA PRO A 325 -32.04 24.00 37.48
C PRO A 325 -32.04 22.60 38.05
N ARG A 326 -31.98 22.50 39.37
CA ARG A 326 -31.73 21.22 40.01
C ARG A 326 -32.87 20.74 40.92
N TYR A 327 -33.99 21.46 41.00
CA TYR A 327 -35.08 21.05 41.88
C TYR A 327 -36.37 20.68 41.15
N GLY A 328 -36.58 21.15 39.92
CA GLY A 328 -37.79 20.81 39.20
C GLY A 328 -37.65 19.56 38.36
N GLY A 329 -38.24 19.56 37.17
CA GLY A 329 -38.06 18.47 36.25
C GLY A 329 -36.65 18.44 35.68
N PRO A 330 -36.40 17.47 34.80
CA PRO A 330 -35.05 17.34 34.22
C PRO A 330 -34.59 18.65 33.58
N SER A 331 -33.35 19.04 33.90
CA SER A 331 -32.82 20.34 33.54
C SER A 331 -32.96 20.61 32.05
N PHE A 332 -33.48 21.79 31.72
CA PHE A 332 -33.61 22.31 30.37
C PHE A 332 -34.58 21.51 29.50
N ALA A 333 -35.19 20.46 30.02
CA ALA A 333 -35.95 19.52 29.20
C ALA A 333 -37.41 19.95 29.10
N ALA A 334 -37.90 20.01 27.86
CA ALA A 334 -39.31 20.24 27.56
C ALA A 334 -39.80 19.06 26.74
N PHE A 335 -40.72 18.27 27.30
CA PHE A 335 -41.18 17.07 26.62
C PHE A 335 -42.59 16.71 27.11
N LYS A 336 -43.20 15.77 26.41
CA LYS A 336 -44.50 15.23 26.78
C LYS A 336 -44.31 13.90 27.51
N ARG A 337 -45.04 13.73 28.61
CA ARG A 337 -44.99 12.52 29.40
C ARG A 337 -46.38 11.91 29.53
N ASP A 338 -46.44 10.60 29.74
CA ASP A 338 -47.69 9.92 29.99
C ASP A 338 -47.97 9.87 31.50
N ARG A 339 -49.07 9.23 31.89
CA ARG A 339 -49.44 9.21 33.30
C ARG A 339 -48.43 8.43 34.15
N ALA A 340 -47.59 7.61 33.53
CA ALA A 340 -46.57 6.85 34.25
C ALA A 340 -45.18 7.46 34.10
N SER A 341 -45.09 8.70 33.61
CA SER A 341 -43.84 9.45 33.51
C SER A 341 -42.87 8.84 32.49
N ASN A 342 -43.40 8.28 31.41
CA ASN A 342 -42.59 7.91 30.25
C ASN A 342 -42.59 9.07 29.26
N ILE A 343 -41.44 9.32 28.64
CA ILE A 343 -41.34 10.42 27.68
C ILE A 343 -41.89 9.96 26.33
N THR A 344 -42.78 10.75 25.76
CA THR A 344 -43.47 10.39 24.53
C THR A 344 -43.21 11.46 23.46
N ASP A 345 -43.60 11.12 22.22
CA ASP A 345 -43.55 12.09 21.14
C ASP A 345 -44.81 12.96 21.16
N GLU A 346 -44.92 13.86 20.17
CA GLU A 346 -46.09 14.71 20.08
C GLU A 346 -47.36 13.89 19.89
N LYS A 347 -47.28 12.79 19.15
CA LYS A 347 -48.46 11.96 18.90
C LYS A 347 -48.89 11.21 20.15
N GLY A 348 -47.93 10.70 20.91
CA GLY A 348 -48.23 10.00 22.15
C GLY A 348 -47.46 8.71 22.32
N ASN A 349 -46.68 8.34 21.31
CA ASN A 349 -45.91 7.10 21.37
C ASN A 349 -44.75 7.25 22.33
N ILE A 350 -44.52 6.23 23.15
CA ILE A 350 -43.43 6.28 24.11
C ILE A 350 -42.10 6.20 23.36
N ILE A 351 -41.19 7.12 23.67
CA ILE A 351 -39.86 7.12 23.10
C ILE A 351 -38.78 6.87 24.15
N LEU A 352 -39.06 7.12 25.42
CA LEU A 352 -38.10 6.86 26.49
C LEU A 352 -38.88 6.42 27.71
N TYR A 353 -38.69 5.17 28.12
CA TYR A 353 -39.37 4.67 29.31
C TYR A 353 -38.68 5.19 30.55
N LYS A 354 -39.45 5.32 31.63
CA LYS A 354 -38.85 5.52 32.93
C LYS A 354 -38.26 4.18 33.38
N LYS A 355 -37.00 4.21 33.83
CA LYS A 355 -36.25 2.97 34.03
C LYS A 355 -37.06 1.93 34.80
N ALA A 356 -37.73 2.35 35.87
CA ALA A 356 -38.48 1.41 36.70
C ALA A 356 -39.66 0.79 35.96
N ASN A 357 -40.17 1.43 34.92
CA ASN A 357 -41.29 0.87 34.16
C ASN A 357 -40.85 -0.19 33.17
N LEU A 358 -39.57 -0.21 32.81
CA LEU A 358 -39.04 -1.12 31.81
C LEU A 358 -38.12 -2.19 32.37
N LEU A 359 -37.29 -1.84 33.35
CA LEU A 359 -36.35 -2.77 33.95
C LEU A 359 -36.73 -3.08 35.39
N ASP A 360 -36.37 -4.28 35.83
CA ASP A 360 -36.59 -4.65 37.23
C ASP A 360 -35.31 -4.37 38.01
N GLU A 361 -35.18 -4.97 39.20
CA GLU A 361 -34.02 -4.72 40.05
C GLU A 361 -32.75 -5.35 39.51
N ASN A 362 -32.83 -6.22 38.50
CA ASN A 362 -31.69 -6.92 37.95
C ASN A 362 -31.40 -6.51 36.51
N ASN A 363 -31.80 -5.29 36.13
CA ASN A 363 -31.63 -4.78 34.76
C ASN A 363 -32.26 -5.70 33.72
N ASN A 364 -33.32 -6.41 34.10
CA ASN A 364 -34.04 -7.30 33.21
C ASN A 364 -35.29 -6.59 32.70
N VAL A 365 -35.58 -6.75 31.42
CA VAL A 365 -36.77 -6.13 30.84
C VAL A 365 -38.00 -6.91 31.27
N ILE A 366 -39.00 -6.20 31.76
CA ILE A 366 -40.29 -6.78 32.14
C ILE A 366 -41.32 -6.41 31.10
N ILE A 367 -42.00 -7.42 30.56
CA ILE A 367 -43.11 -7.25 29.62
C ILE A 367 -44.39 -7.53 30.38
N PRO A 368 -45.29 -6.56 30.54
CA PRO A 368 -46.44 -6.74 31.44
C PRO A 368 -47.42 -7.77 30.90
N LYS A 369 -48.26 -8.26 31.80
CA LYS A 369 -49.29 -9.22 31.42
C LYS A 369 -50.23 -8.59 30.40
N GLY A 370 -50.76 -9.42 29.51
CA GLY A 370 -51.55 -8.93 28.41
C GLY A 370 -50.74 -8.52 27.20
N GLU A 371 -49.41 -8.56 27.28
CA GLU A 371 -48.57 -8.24 26.14
C GLU A 371 -47.62 -9.38 25.80
N PHE A 372 -47.60 -10.45 26.58
CA PHE A 372 -46.90 -11.68 26.23
C PHE A 372 -47.83 -12.86 26.46
N SER A 373 -47.60 -13.93 25.69
CA SER A 373 -48.37 -15.17 25.82
C SER A 373 -47.48 -16.36 25.52
N ILE A 374 -47.62 -17.42 26.32
CA ILE A 374 -46.95 -18.69 26.07
C ILE A 374 -47.99 -19.72 25.68
N ASP A 375 -47.94 -20.17 24.41
CA ASP A 375 -48.89 -21.15 23.93
C ASP A 375 -48.58 -22.54 24.49
N SER A 376 -49.46 -23.50 24.18
CA SER A 376 -49.26 -24.88 24.62
C SER A 376 -47.97 -25.49 24.10
N ASP A 377 -47.36 -24.93 23.05
CA ASP A 377 -46.09 -25.42 22.52
C ASP A 377 -44.87 -24.74 23.16
N ASN A 378 -45.01 -24.19 24.37
CA ASN A 378 -43.91 -23.56 25.09
C ASN A 378 -43.15 -22.56 24.21
N SER A 379 -43.87 -21.87 23.33
CA SER A 379 -43.31 -20.80 22.53
C SER A 379 -43.82 -19.46 23.03
N LEU A 380 -43.01 -18.42 22.83
CA LEU A 380 -43.25 -17.11 23.42
C LEU A 380 -43.80 -16.17 22.36
N LYS A 381 -44.87 -15.47 22.69
CA LYS A 381 -45.49 -14.47 21.83
C LYS A 381 -45.45 -13.12 22.53
N ILE A 382 -44.83 -12.13 21.90
CA ILE A 382 -44.69 -10.79 22.47
C ILE A 382 -45.34 -9.78 21.54
N ASN A 383 -46.21 -8.93 22.11
CA ASN A 383 -46.91 -7.88 21.36
C ASN A 383 -46.96 -6.64 22.24
N SER A 384 -45.83 -5.94 22.35
CA SER A 384 -45.76 -4.70 23.11
C SER A 384 -44.90 -3.70 22.36
N GLN A 385 -45.04 -2.42 22.74
CA GLN A 385 -44.20 -1.37 22.19
C GLN A 385 -42.80 -1.38 22.78
N ARG A 386 -42.54 -2.21 23.79
CA ARG A 386 -41.24 -2.24 24.44
C ARG A 386 -40.20 -2.99 23.62
N VAL A 387 -40.63 -3.97 22.83
CA VAL A 387 -39.72 -4.81 22.04
C VAL A 387 -40.11 -4.68 20.57
N SER A 388 -39.09 -4.58 19.70
CA SER A 388 -39.30 -4.58 18.26
C SER A 388 -38.40 -5.63 17.63
N ILE A 389 -38.82 -6.13 16.47
CA ILE A 389 -38.06 -7.13 15.71
C ILE A 389 -37.95 -6.67 14.25
N TYR A 390 -36.76 -6.78 13.69
CA TYR A 390 -36.55 -6.49 12.27
C TYR A 390 -35.31 -7.23 11.81
N GLN A 391 -35.42 -7.95 10.69
CA GLN A 391 -34.32 -8.76 10.15
C GLN A 391 -33.87 -9.83 11.15
N ASN A 392 -34.83 -10.38 11.89
CA ASN A 392 -34.60 -11.44 12.88
C ASN A 392 -33.70 -10.95 14.02
N VAL A 393 -33.72 -9.65 14.31
CA VAL A 393 -32.93 -9.07 15.40
C VAL A 393 -33.88 -8.39 16.35
N LEU A 394 -33.90 -8.84 17.60
CA LEU A 394 -34.72 -8.24 18.64
C LEU A 394 -34.04 -6.97 19.15
N SER A 395 -34.73 -5.84 19.01
CA SER A 395 -34.25 -4.57 19.53
C SER A 395 -35.15 -4.13 20.67
N MET A 396 -34.54 -3.55 21.71
CA MET A 396 -35.26 -3.14 22.90
C MET A 396 -35.46 -1.63 22.94
N ALA A 397 -36.45 -1.21 23.73
CA ALA A 397 -36.69 0.21 23.90
C ALA A 397 -35.60 0.83 24.77
N SER A 398 -35.54 2.16 24.75
CA SER A 398 -34.57 2.91 25.52
C SER A 398 -35.27 3.60 26.69
N PHE A 399 -34.51 3.81 27.77
CA PHE A 399 -35.08 4.38 28.98
C PHE A 399 -34.26 5.58 29.43
N TYR A 400 -34.81 6.32 30.39
CA TYR A 400 -34.16 7.50 30.93
C TYR A 400 -34.03 7.39 32.45
N THR A 401 -32.99 8.03 32.97
CA THR A 401 -32.81 8.26 34.39
C THR A 401 -32.58 9.75 34.58
N VAL A 402 -32.43 10.15 35.85
CA VAL A 402 -32.10 11.54 36.20
C VAL A 402 -30.94 11.49 37.17
N ASN A 403 -29.82 12.10 36.80
CA ASN A 403 -28.57 11.94 37.55
C ASN A 403 -28.57 12.86 38.77
N ASP A 404 -27.44 12.89 39.47
CA ASP A 404 -27.30 13.66 40.71
C ASP A 404 -27.45 15.15 40.49
N GLN A 405 -27.42 15.62 39.25
CA GLN A 405 -27.52 17.04 38.94
C GLN A 405 -28.82 17.40 38.24
N ASN A 406 -29.83 16.54 38.37
CA ASN A 406 -31.17 16.77 37.81
C ASN A 406 -31.17 16.83 36.29
N ASN A 407 -30.11 16.32 35.66
CA ASN A 407 -30.04 16.25 34.20
C ASN A 407 -30.63 14.94 33.71
N LEU A 408 -31.32 15.01 32.58
CA LEU A 408 -31.85 13.81 31.95
C LEU A 408 -30.70 12.95 31.46
N VAL A 409 -30.81 11.63 31.67
CA VAL A 409 -29.81 10.68 31.19
C VAL A 409 -30.54 9.56 30.47
N THR A 410 -30.30 9.43 29.17
CA THR A 410 -30.96 8.43 28.34
C THR A 410 -30.03 7.25 28.14
N HIS A 411 -30.56 6.05 28.35
CA HIS A 411 -29.80 4.82 28.21
C HIS A 411 -30.40 3.97 27.10
N GLY A 412 -29.55 3.17 26.46
CA GLY A 412 -29.99 2.23 25.45
C GLY A 412 -29.87 0.81 25.96
N ILE A 413 -30.70 -0.07 25.45
CA ILE A 413 -30.60 -1.51 25.71
C ILE A 413 -30.18 -2.19 24.42
N GLY A 414 -29.31 -3.18 24.54
CA GLY A 414 -28.73 -3.82 23.38
C GLY A 414 -29.74 -4.63 22.58
N ASN A 415 -29.22 -5.31 21.57
CA ASN A 415 -30.04 -6.13 20.69
C ASN A 415 -29.61 -7.58 20.81
N PHE A 416 -30.48 -8.47 20.34
CA PHE A 416 -30.21 -9.90 20.36
C PHE A 416 -30.48 -10.46 18.98
N GLN A 417 -29.51 -11.20 18.45
CA GLN A 417 -29.64 -11.81 17.12
C GLN A 417 -30.42 -13.12 17.28
N LEU A 418 -31.70 -13.07 16.95
CA LEU A 418 -32.52 -14.26 16.98
C LEU A 418 -32.10 -15.21 15.86
N PRO A 419 -32.14 -16.52 16.08
CA PRO A 419 -31.64 -17.47 15.07
C PRO A 419 -32.38 -17.35 13.75
N GLU A 420 -31.87 -18.09 12.76
CA GLU A 420 -32.33 -17.94 11.39
C GLU A 420 -33.78 -18.38 11.23
N GLN A 421 -34.19 -19.43 11.94
CA GLN A 421 -35.55 -19.94 11.82
C GLN A 421 -36.07 -20.32 13.20
N GLY A 422 -37.29 -19.90 13.50
CA GLY A 422 -37.91 -20.15 14.78
C GLY A 422 -38.76 -18.98 15.25
N VAL A 423 -39.01 -18.04 14.34
CA VAL A 423 -39.75 -16.83 14.65
C VAL A 423 -40.70 -16.53 13.51
N THR A 424 -41.95 -16.21 13.84
CA THR A 424 -42.95 -15.77 12.88
C THR A 424 -43.39 -14.36 13.24
N VAL A 425 -43.31 -13.45 12.26
CA VAL A 425 -43.52 -12.02 12.49
C VAL A 425 -44.88 -11.61 11.92
N GLU A 426 -45.58 -10.74 12.65
CA GLU A 426 -46.79 -10.09 12.18
C GLU A 426 -46.57 -8.61 11.86
N ASN A 427 -46.15 -7.82 12.84
CA ASN A 427 -45.66 -6.45 12.66
C ASN A 427 -44.36 -6.32 13.42
N GLU A 428 -43.73 -5.14 13.38
CA GLU A 428 -42.45 -5.02 14.08
C GLU A 428 -42.61 -5.15 15.60
N LYS A 429 -43.82 -4.99 16.13
CA LYS A 429 -44.03 -5.08 17.57
C LYS A 429 -44.82 -6.31 17.99
N SER A 430 -45.14 -7.22 17.07
CA SER A 430 -45.86 -8.45 17.39
C SER A 430 -45.20 -9.62 16.70
N PHE A 431 -44.67 -10.56 17.49
CA PHE A 431 -43.93 -11.70 16.95
C PHE A 431 -44.02 -12.87 17.91
N LYS A 432 -43.68 -14.05 17.41
CA LYS A 432 -43.71 -15.28 18.19
C LYS A 432 -42.38 -16.00 18.05
N ILE A 433 -41.79 -16.41 19.18
CA ILE A 433 -40.54 -17.16 19.20
C ILE A 433 -40.85 -18.59 19.60
N SER A 434 -40.36 -19.55 18.83
CA SER A 434 -40.65 -20.95 19.08
C SER A 434 -39.61 -21.55 20.03
N ALA A 435 -40.03 -22.59 20.76
CA ALA A 435 -39.20 -23.16 21.81
C ALA A 435 -37.89 -23.72 21.29
N SER A 436 -37.79 -24.04 19.99
CA SER A 436 -36.54 -24.55 19.44
C SER A 436 -35.42 -23.53 19.54
N VAL A 437 -35.74 -22.26 19.78
CA VAL A 437 -34.71 -21.24 19.98
C VAL A 437 -34.26 -21.20 21.43
N PHE A 438 -35.18 -21.37 22.38
CA PHE A 438 -34.83 -21.31 23.78
C PHE A 438 -34.01 -22.52 24.25
N GLU A 439 -33.91 -23.57 23.42
CA GLU A 439 -33.18 -24.76 23.82
C GLU A 439 -31.69 -24.48 23.95
N ASN A 440 -31.12 -23.70 23.00
CA ASN A 440 -29.71 -23.31 23.06
C ASN A 440 -29.44 -22.21 24.06
N TYR A 441 -30.46 -21.72 24.75
CA TYR A 441 -30.29 -20.65 25.73
C TYR A 441 -30.84 -21.05 27.09
N LYS A 442 -32.15 -21.30 27.18
CA LYS A 442 -32.83 -21.83 28.37
C LYS A 442 -32.97 -20.78 29.46
N ASP A 443 -31.93 -19.97 29.68
CA ASP A 443 -31.98 -18.89 30.67
C ASP A 443 -32.51 -17.58 30.09
N PHE A 444 -33.40 -17.65 29.10
CA PHE A 444 -33.75 -16.47 28.32
C PHE A 444 -34.96 -15.70 28.83
N TYR A 445 -35.91 -16.37 29.48
CA TYR A 445 -37.12 -15.69 29.90
C TYR A 445 -37.67 -16.37 31.16
N SER A 446 -38.61 -15.69 31.80
CA SER A 446 -39.13 -16.11 33.10
C SER A 446 -40.35 -15.31 33.50
N VAL A 447 -41.43 -15.98 33.90
CA VAL A 447 -42.62 -15.31 34.39
C VAL A 447 -42.50 -15.17 35.90
N ASN A 448 -42.80 -13.98 36.41
CA ASN A 448 -42.58 -13.66 37.82
C ASN A 448 -43.87 -13.82 38.61
N GLU A 449 -43.83 -13.41 39.88
CA GLU A 449 -44.98 -13.58 40.78
C GLU A 449 -46.17 -12.69 40.41
N ASN A 450 -46.01 -11.78 39.44
CA ASN A 450 -47.10 -10.90 39.02
C ASN A 450 -47.57 -11.22 37.60
N GLY A 451 -47.20 -12.37 37.07
CA GLY A 451 -47.60 -12.74 35.72
C GLY A 451 -47.03 -11.86 34.64
N ASN A 452 -45.79 -11.38 34.83
CA ASN A 452 -45.11 -10.54 33.87
C ASN A 452 -43.90 -11.29 33.33
N LEU A 453 -43.61 -11.07 32.05
CA LEU A 453 -42.47 -11.73 31.41
C LEU A 453 -41.19 -11.00 31.77
N VAL A 454 -40.15 -11.76 32.14
CA VAL A 454 -38.87 -11.22 32.54
C VAL A 454 -37.81 -11.78 31.61
N LEU A 455 -37.22 -10.94 30.78
CA LEU A 455 -36.16 -11.34 29.88
C LEU A 455 -34.80 -11.12 30.53
N ASN A 456 -33.86 -12.01 30.23
CA ASN A 456 -32.55 -11.96 30.89
C ASN A 456 -31.70 -10.82 30.34
N SER A 457 -31.03 -10.11 31.24
CA SER A 457 -30.15 -9.02 30.84
C SER A 457 -28.89 -9.52 30.14
N LYS A 458 -28.59 -10.82 30.25
CA LYS A 458 -27.39 -11.36 29.61
C LYS A 458 -27.49 -11.36 28.09
N TYR A 459 -28.68 -11.16 27.53
CA TYR A 459 -28.86 -11.13 26.09
C TYR A 459 -29.27 -9.76 25.56
N PHE A 460 -29.65 -8.83 26.45
CA PHE A 460 -29.93 -7.45 26.08
C PHE A 460 -29.09 -6.58 27.02
N GLN A 461 -27.92 -6.17 26.55
CA GLN A 461 -26.99 -5.44 27.40
C GLN A 461 -27.52 -4.06 27.74
N VAL A 462 -27.53 -3.73 29.02
CA VAL A 462 -28.06 -2.46 29.51
C VAL A 462 -26.94 -1.44 29.57
N ASP A 463 -27.07 -0.36 28.79
CA ASP A 463 -26.16 0.77 28.85
C ASP A 463 -26.35 1.46 30.20
N GLU A 464 -25.51 1.11 31.17
CA GLU A 464 -25.75 1.60 32.53
C GLU A 464 -25.33 3.05 32.71
N LYS A 465 -24.20 3.45 32.10
CA LYS A 465 -23.75 4.84 32.25
C LYS A 465 -24.69 5.80 31.53
N GLY A 466 -25.08 5.47 30.31
CA GLY A 466 -25.99 6.30 29.55
C GLY A 466 -25.31 7.54 28.99
N THR A 467 -26.16 8.45 28.50
CA THR A 467 -25.71 9.69 27.89
C THR A 467 -26.50 10.85 28.47
N VAL A 468 -25.78 11.84 28.99
CA VAL A 468 -26.43 12.96 29.68
C VAL A 468 -27.05 13.89 28.65
N GLN A 469 -28.11 14.58 29.06
CA GLN A 469 -28.91 15.45 28.22
C GLN A 469 -29.18 16.77 28.94
N PRO A 470 -29.30 17.88 28.19
CA PRO A 470 -29.11 17.96 26.74
C PRO A 470 -27.63 17.91 26.40
N GLN A 471 -27.30 17.70 25.13
CA GLN A 471 -25.93 17.60 24.71
C GLN A 471 -25.48 18.89 24.03
N SER A 472 -24.17 19.02 23.87
CA SER A 472 -23.60 20.20 23.25
C SER A 472 -22.31 19.81 22.53
N SER A 473 -21.93 20.62 21.56
CA SER A 473 -20.69 20.41 20.83
C SER A 473 -20.13 21.78 20.44
N SER A 474 -18.79 21.87 20.44
CA SER A 474 -18.11 23.09 20.03
C SER A 474 -16.96 22.74 19.10
N VAL A 475 -16.68 23.65 18.17
CA VAL A 475 -15.61 23.49 17.19
C VAL A 475 -14.82 24.80 17.17
N VAL A 476 -13.54 24.71 17.49
CA VAL A 476 -12.64 25.87 17.46
C VAL A 476 -11.71 25.74 16.27
N LEU A 477 -11.59 26.81 15.50
CA LEU A 477 -10.92 26.78 14.20
C LEU A 477 -10.14 28.07 13.99
N ASP A 478 -8.88 27.94 13.59
CA ASP A 478 -8.05 29.09 13.21
C ASP A 478 -8.33 29.38 11.74
N HIS A 479 -9.21 30.36 11.50
CA HIS A 479 -9.68 30.61 10.14
C HIS A 479 -8.57 31.04 9.20
N LYS A 480 -7.50 31.64 9.73
CA LYS A 480 -6.41 32.08 8.85
C LYS A 480 -5.68 30.90 8.23
N THR A 481 -5.60 29.77 8.94
CA THR A 481 -4.91 28.61 8.42
C THR A 481 -5.82 27.40 8.23
N GLY A 482 -7.05 27.44 8.71
CA GLY A 482 -7.92 26.29 8.65
C GLY A 482 -7.59 25.19 9.62
N GLN A 483 -6.57 25.37 10.46
CA GLN A 483 -6.20 24.35 11.44
C GLN A 483 -7.23 24.28 12.57
N LEU A 484 -7.61 23.06 12.93
CA LEU A 484 -8.58 22.84 14.00
C LEU A 484 -7.85 22.87 15.34
N ILE A 485 -8.28 23.76 16.23
CA ILE A 485 -7.58 23.98 17.49
C ILE A 485 -8.14 23.08 18.60
N ALA A 486 -9.45 22.86 18.62
CA ALA A 486 -10.07 21.98 19.61
C ALA A 486 -11.41 21.54 19.05
N ILE A 487 -11.80 20.31 19.42
CA ILE A 487 -13.09 19.75 19.03
C ILE A 487 -13.73 19.13 20.26
N ILE A 488 -14.97 19.51 20.54
CA ILE A 488 -15.78 18.86 21.58
C ILE A 488 -17.04 18.31 20.92
N GLY A 489 -17.23 17.00 21.00
CA GLY A 489 -18.36 16.33 20.39
C GLY A 489 -19.48 15.94 21.34
N GLY A 490 -19.42 16.36 22.59
CA GLY A 490 -20.43 16.00 23.56
C GLY A 490 -19.93 16.33 24.96
N ARG A 491 -20.84 16.14 25.93
CA ARG A 491 -20.49 16.45 27.31
C ARG A 491 -19.56 15.41 27.92
N GLU A 492 -19.74 14.14 27.56
CA GLU A 492 -18.88 13.09 28.07
C GLU A 492 -17.44 13.32 27.64
N THR A 493 -16.50 13.05 28.56
CA THR A 493 -15.07 13.21 28.28
C THR A 493 -14.28 11.97 28.66
N THR A 494 -14.94 10.83 28.83
CA THR A 494 -14.26 9.58 29.14
C THR A 494 -14.87 8.48 28.29
N GLY A 495 -14.06 7.47 28.00
CA GLY A 495 -14.49 6.39 27.14
C GLY A 495 -14.38 6.78 25.68
N HIS A 496 -15.35 6.37 24.86
CA HIS A 496 -15.38 6.73 23.44
C HIS A 496 -16.74 7.33 23.12
N PRO A 497 -16.98 8.56 23.52
CA PRO A 497 -18.29 9.18 23.31
C PRO A 497 -18.51 9.52 21.84
N LEU A 498 -19.80 9.64 21.50
CA LEU A 498 -20.19 10.01 20.13
C LEU A 498 -19.75 11.42 19.82
N ASN A 499 -18.95 11.59 18.77
CA ASN A 499 -18.42 12.89 18.38
C ASN A 499 -19.44 13.58 17.49
N ARG A 500 -20.40 14.27 18.12
CA ARG A 500 -21.46 14.94 17.38
C ARG A 500 -20.94 16.08 16.52
N ALA A 501 -19.72 16.56 16.78
CA ALA A 501 -19.21 17.73 16.09
C ALA A 501 -19.14 17.51 14.58
N TYR A 502 -18.81 16.29 14.15
CA TYR A 502 -18.70 16.00 12.73
C TYR A 502 -19.51 14.79 12.28
N ARG A 503 -20.22 14.11 13.18
CA ARG A 503 -20.91 12.88 12.82
C ARG A 503 -22.43 12.98 12.88
N VAL A 504 -22.98 13.92 13.64
CA VAL A 504 -24.42 14.04 13.82
C VAL A 504 -24.84 15.42 13.36
N PRO A 505 -25.32 15.54 12.12
CA PRO A 505 -25.86 16.83 11.67
C PRO A 505 -27.12 17.20 12.42
N ARG A 506 -27.31 18.51 12.59
CA ARG A 506 -28.51 19.06 13.21
C ARG A 506 -28.96 20.26 12.39
N GLN A 507 -30.17 20.71 12.67
CA GLN A 507 -30.73 21.84 11.94
C GLN A 507 -29.97 23.12 12.32
N PRO A 508 -29.43 23.86 11.34
CA PRO A 508 -28.68 25.07 11.69
C PRO A 508 -29.55 26.26 12.01
N GLY A 509 -30.79 26.29 11.54
CA GLY A 509 -31.66 27.41 11.83
C GLY A 509 -31.13 28.69 11.22
N SER A 510 -31.30 29.80 11.96
CA SER A 510 -30.96 31.12 11.44
C SER A 510 -29.47 31.30 11.19
N THR A 511 -28.60 30.44 11.72
CA THR A 511 -27.20 30.51 11.36
C THR A 511 -26.96 30.24 9.88
N MET A 512 -27.97 29.71 9.19
CA MET A 512 -27.88 29.50 7.74
C MET A 512 -28.05 30.80 6.98
N LYS A 513 -28.76 31.78 7.58
CA LYS A 513 -29.05 33.04 6.90
C LYS A 513 -27.81 33.75 6.38
N PRO A 514 -26.73 33.95 7.15
CA PRO A 514 -25.58 34.68 6.59
C PRO A 514 -24.97 34.04 5.37
N LEU A 515 -24.71 32.74 5.40
CA LEU A 515 -23.96 32.13 4.31
C LEU A 515 -24.84 31.50 3.23
N GLY A 516 -26.14 31.37 3.45
CA GLY A 516 -27.01 30.85 2.42
C GLY A 516 -27.79 31.92 1.69
N VAL A 517 -27.90 33.11 2.27
CA VAL A 517 -28.76 34.15 1.73
C VAL A 517 -28.00 35.45 1.54
N TYR A 518 -27.51 36.04 2.64
CA TYR A 518 -27.06 37.43 2.59
C TYR A 518 -25.66 37.57 2.00
N ILE A 519 -24.76 36.64 2.31
CA ILE A 519 -23.44 36.66 1.64
C ILE A 519 -23.61 36.56 0.12
N PRO A 520 -24.41 35.65 -0.44
CA PRO A 520 -24.69 35.72 -1.88
C PRO A 520 -25.37 37.01 -2.31
N ALA A 521 -26.25 37.57 -1.47
CA ALA A 521 -26.93 38.81 -1.83
C ALA A 521 -25.93 39.96 -2.01
N LEU A 522 -24.96 40.06 -1.11
CA LEU A 522 -23.96 41.13 -1.18
C LEU A 522 -23.12 41.07 -2.45
N ASP A 523 -23.04 39.90 -3.09
CA ASP A 523 -22.37 39.75 -4.37
C ASP A 523 -23.33 39.79 -5.55
N ASN A 524 -24.61 40.12 -5.31
CA ASN A 524 -25.62 40.10 -6.36
C ASN A 524 -26.58 41.28 -6.20
N GLY A 525 -26.03 42.47 -6.09
CA GLY A 525 -26.83 43.69 -6.16
C GLY A 525 -27.39 44.21 -4.86
N TYR A 526 -27.03 43.61 -3.73
CA TYR A 526 -27.45 44.10 -2.44
C TYR A 526 -26.30 44.82 -1.74
N THR A 527 -26.64 45.78 -0.89
CA THR A 527 -25.69 46.42 -0.01
C THR A 527 -26.18 46.27 1.43
N ALA A 528 -25.30 46.57 2.38
CA ALA A 528 -25.68 46.51 3.79
C ALA A 528 -26.82 47.45 4.12
N ALA A 529 -27.07 48.46 3.27
CA ALA A 529 -28.15 49.41 3.48
C ALA A 529 -29.39 49.10 2.66
N THR A 530 -29.40 47.99 1.92
CA THR A 530 -30.55 47.65 1.09
C THR A 530 -31.79 47.39 1.94
N ALA A 531 -32.87 48.08 1.61
CA ALA A 531 -34.11 47.99 2.38
C ALA A 531 -34.92 46.78 1.92
N ILE A 532 -35.38 45.99 2.87
CA ILE A 532 -36.25 44.85 2.62
C ILE A 532 -37.49 45.00 3.49
N GLU A 533 -38.65 44.69 2.92
CA GLU A 533 -39.93 44.93 3.59
C GLU A 533 -40.34 43.68 4.36
N ASP A 534 -40.34 43.77 5.69
CA ASP A 534 -40.85 42.72 6.56
C ASP A 534 -42.36 42.87 6.61
N ALA A 535 -43.04 42.23 5.68
CA ALA A 535 -44.49 42.31 5.52
C ALA A 535 -45.03 40.90 5.40
N PRO A 536 -46.35 40.71 5.62
CA PRO A 536 -46.95 39.37 5.50
C PRO A 536 -46.60 38.67 4.19
N HIS A 537 -45.93 37.54 4.31
CA HIS A 537 -45.48 36.74 3.18
C HIS A 537 -46.26 35.45 3.11
N TYR A 538 -46.48 34.96 1.89
CA TYR A 538 -47.31 33.78 1.66
C TYR A 538 -46.58 32.78 0.78
N ASN A 539 -46.79 31.50 1.05
CA ASN A 539 -46.14 30.43 0.30
C ASN A 539 -46.84 30.22 -1.03
N ASP A 540 -46.38 29.21 -1.78
CA ASP A 540 -47.01 28.88 -3.05
C ASP A 540 -48.42 28.35 -2.89
N LYS A 541 -48.84 28.01 -1.67
CA LYS A 541 -50.17 27.47 -1.43
C LYS A 541 -51.06 28.46 -0.65
N LYS A 542 -50.74 29.75 -0.71
CA LYS A 542 -51.53 30.81 -0.08
C LYS A 542 -51.69 30.59 1.43
N GLU A 543 -50.56 30.41 2.11
CA GLU A 543 -50.52 30.25 3.56
C GLU A 543 -49.52 31.24 4.14
N LEU A 544 -49.84 31.74 5.34
CA LEU A 544 -49.00 32.75 5.98
C LEU A 544 -47.66 32.17 6.41
N TRP A 545 -46.77 31.91 5.45
CA TRP A 545 -45.43 31.45 5.71
C TRP A 545 -44.41 32.39 5.09
N PRO A 546 -43.28 32.67 5.77
CA PRO A 546 -42.95 32.20 7.12
C PRO A 546 -43.42 33.16 8.19
N LYS A 547 -43.23 32.78 9.45
CA LYS A 547 -43.52 33.64 10.59
C LYS A 547 -42.23 34.00 11.28
N ASN A 548 -42.06 35.28 11.61
CA ASN A 548 -40.87 35.69 12.34
C ASN A 548 -41.01 35.31 13.82
N TRP A 549 -39.87 35.31 14.51
CA TRP A 549 -39.86 34.93 15.92
C TRP A 549 -40.56 35.95 16.81
N TYR A 550 -40.83 37.15 16.32
CA TYR A 550 -41.34 38.23 17.16
C TYR A 550 -42.84 38.49 16.99
N ASN A 551 -43.59 37.50 16.51
CA ASN A 551 -45.03 37.61 16.32
C ASN A 551 -45.45 38.97 15.78
N GLY A 552 -45.16 39.22 14.51
CA GLY A 552 -45.49 40.49 13.92
C GLY A 552 -44.58 40.77 12.74
N TYR A 553 -44.59 42.03 12.32
CA TYR A 553 -43.79 42.47 11.20
C TYR A 553 -43.17 43.82 11.53
N ARG A 554 -41.91 44.00 11.14
CA ARG A 554 -41.16 45.21 11.44
C ARG A 554 -41.06 46.16 10.25
N GLY A 555 -41.62 45.78 9.10
CA GLY A 555 -41.67 46.68 7.97
C GLY A 555 -40.37 46.81 7.20
N LEU A 556 -40.05 48.03 6.79
CA LEU A 556 -38.90 48.28 5.93
C LEU A 556 -37.63 48.29 6.78
N GLN A 557 -36.74 47.33 6.53
CA GLN A 557 -35.51 47.16 7.29
C GLN A 557 -34.34 47.00 6.34
N THR A 558 -33.19 47.57 6.72
CA THR A 558 -31.99 47.39 5.91
C THR A 558 -31.51 45.94 6.00
N LEU A 559 -30.64 45.57 5.05
CA LEU A 559 -30.08 44.23 5.06
C LEU A 559 -29.32 43.96 6.36
N ARG A 560 -28.59 44.96 6.86
CA ARG A 560 -27.91 44.81 8.14
C ARG A 560 -28.90 44.46 9.25
N GLU A 561 -29.97 45.26 9.38
CA GLU A 561 -30.95 44.99 10.43
C GLU A 561 -31.73 43.71 10.16
N SER A 562 -32.00 43.40 8.89
CA SER A 562 -32.74 42.17 8.58
C SER A 562 -31.97 40.93 9.04
N LEU A 563 -30.64 40.98 9.00
CA LEU A 563 -29.85 39.85 9.46
C LEU A 563 -29.65 39.89 10.97
N VAL A 564 -29.38 41.07 11.53
CA VAL A 564 -29.18 41.20 12.97
C VAL A 564 -30.44 40.79 13.71
N GLN A 565 -31.58 41.33 13.32
CA GLN A 565 -32.85 40.96 13.93
C GLN A 565 -33.32 39.57 13.51
N SER A 566 -32.59 38.92 12.61
CA SER A 566 -32.91 37.57 12.15
C SER A 566 -34.36 37.49 11.65
N ILE A 567 -34.71 38.40 10.75
CA ILE A 567 -36.03 38.42 10.16
C ILE A 567 -36.17 37.26 9.19
N ASN A 568 -37.20 36.44 9.39
CA ASN A 568 -37.43 35.29 8.51
C ASN A 568 -38.02 35.73 7.18
N VAL A 569 -38.97 36.67 7.21
CA VAL A 569 -39.59 37.14 5.98
C VAL A 569 -38.53 37.72 5.05
N ASN A 570 -37.67 38.60 5.57
CA ASN A 570 -36.67 39.24 4.74
C ASN A 570 -35.64 38.24 4.22
N ALA A 571 -35.35 37.20 4.98
CA ALA A 571 -34.42 36.18 4.49
C ALA A 571 -35.03 35.40 3.33
N VAL A 572 -36.29 35.01 3.44
CA VAL A 572 -36.95 34.27 2.38
C VAL A 572 -37.11 35.16 1.15
N LYS A 573 -37.52 36.41 1.35
CA LYS A 573 -37.69 37.34 0.24
C LYS A 573 -36.36 37.54 -0.51
N THR A 574 -35.25 37.57 0.23
CA THR A 574 -33.96 37.78 -0.41
C THR A 574 -33.51 36.54 -1.18
N LEU A 575 -33.74 35.35 -0.64
CA LEU A 575 -33.41 34.13 -1.36
C LEU A 575 -34.34 33.87 -2.52
N GLU A 576 -35.53 34.49 -2.52
CA GLU A 576 -36.40 34.41 -3.69
C GLU A 576 -35.87 35.26 -4.83
N ASP A 577 -35.28 36.41 -4.51
CA ASP A 577 -34.78 37.32 -5.55
C ASP A 577 -33.57 36.70 -6.26
N ILE A 578 -32.52 36.39 -5.51
CA ILE A 578 -31.43 35.58 -6.03
C ILE A 578 -31.96 34.17 -6.20
N GLY A 579 -31.18 33.29 -6.81
CA GLY A 579 -31.68 31.95 -7.08
C GLY A 579 -31.45 30.99 -5.94
N ILE A 580 -32.28 29.93 -5.91
CA ILE A 580 -31.91 28.76 -5.14
C ILE A 580 -30.64 28.15 -5.70
N GLU A 581 -30.48 28.21 -7.03
CA GLU A 581 -29.27 27.72 -7.67
C GLU A 581 -28.09 28.61 -7.34
N LYS A 582 -28.29 29.94 -7.38
CA LYS A 582 -27.24 30.86 -6.95
C LYS A 582 -26.86 30.61 -5.49
N SER A 583 -27.80 30.13 -4.68
CA SER A 583 -27.49 29.80 -3.30
C SER A 583 -26.70 28.50 -3.21
N LYS A 584 -27.05 27.52 -4.04
CA LYS A 584 -26.31 26.26 -4.05
C LYS A 584 -24.85 26.46 -4.41
N GLU A 585 -24.54 27.45 -5.26
CA GLU A 585 -23.16 27.77 -5.57
C GLU A 585 -22.39 28.13 -4.30
N TYR A 586 -23.02 28.90 -3.40
CA TYR A 586 -22.35 29.28 -2.16
C TYR A 586 -22.34 28.13 -1.16
N PHE A 587 -23.38 27.31 -1.13
CA PHE A 587 -23.32 26.07 -0.35
C PHE A 587 -22.11 25.24 -0.76
N LYS A 588 -21.84 25.15 -2.07
CA LYS A 588 -20.67 24.42 -2.54
C LYS A 588 -19.39 25.12 -2.09
N LYS A 589 -19.30 26.44 -2.30
CA LYS A 589 -18.07 27.15 -1.99
C LYS A 589 -17.79 27.16 -0.49
N PHE A 590 -18.83 27.24 0.33
CA PHE A 590 -18.66 27.21 1.78
C PHE A 590 -18.33 25.82 2.31
N GLY A 591 -18.40 24.78 1.47
CA GLY A 591 -18.15 23.43 1.92
C GLY A 591 -19.36 22.69 2.42
N LEU A 592 -20.53 23.33 2.47
CA LEU A 592 -21.74 22.64 2.92
C LEU A 592 -22.17 21.57 1.93
N ILE A 593 -21.91 21.78 0.64
CA ILE A 593 -22.12 20.78 -0.39
C ILE A 593 -20.75 20.33 -0.88
N ASN A 594 -20.53 19.01 -0.88
CA ASN A 594 -19.28 18.45 -1.39
C ASN A 594 -19.39 18.37 -2.91
N GLU A 595 -18.61 19.21 -3.60
CA GLU A 595 -18.70 19.26 -5.06
C GLU A 595 -18.32 17.94 -5.71
N ASP A 596 -17.42 17.17 -5.08
CA ASP A 596 -16.94 15.94 -5.69
C ASP A 596 -17.93 14.80 -5.46
N ASN A 597 -17.98 14.27 -4.23
CA ASN A 597 -18.81 13.12 -3.95
C ASN A 597 -20.29 13.48 -3.94
N GLU A 598 -20.64 14.56 -3.22
CA GLU A 598 -22.02 15.03 -3.09
C GLU A 598 -22.92 14.01 -2.40
N LEU A 599 -22.37 12.83 -2.10
CA LEU A 599 -22.98 11.91 -1.16
C LEU A 599 -22.23 11.89 0.17
N ASP A 600 -21.05 12.50 0.23
CA ASP A 600 -20.29 12.69 1.46
C ASP A 600 -20.70 13.96 2.19
N ASP A 601 -21.80 14.57 1.81
CA ASP A 601 -22.33 15.75 2.48
C ASP A 601 -23.66 15.42 3.15
N THR A 602 -24.20 16.38 3.89
CA THR A 602 -25.51 16.25 4.52
C THR A 602 -26.57 17.07 3.81
N TYR A 603 -26.32 17.46 2.56
CA TYR A 603 -27.28 18.18 1.73
C TYR A 603 -27.95 17.19 0.80
N VAL A 604 -29.28 17.23 0.77
CA VAL A 604 -30.07 16.31 -0.04
C VAL A 604 -30.49 17.06 -1.29
N SER A 605 -29.90 16.73 -2.43
CA SER A 605 -30.17 17.44 -3.67
C SER A 605 -31.38 16.85 -4.38
N ARG A 606 -31.78 17.49 -5.48
CA ARG A 606 -32.86 16.96 -6.29
C ARG A 606 -32.52 15.58 -6.86
N SER A 607 -31.23 15.34 -7.12
CA SER A 607 -30.81 14.02 -7.58
C SER A 607 -30.94 12.98 -6.47
N GLU A 608 -30.56 13.35 -5.25
CA GLU A 608 -30.62 12.41 -4.13
C GLU A 608 -32.05 12.11 -3.72
N SER A 609 -32.96 13.07 -3.89
CA SER A 609 -34.36 12.85 -3.57
C SER A 609 -35.22 13.86 -4.29
N VAL A 610 -36.42 13.43 -4.68
CA VAL A 610 -37.39 14.33 -5.28
C VAL A 610 -38.52 14.69 -4.31
N ASP A 611 -38.91 13.77 -3.42
CA ASP A 611 -39.93 14.10 -2.42
C ASP A 611 -39.34 14.98 -1.32
N HIS A 612 -38.26 14.53 -0.69
CA HIS A 612 -37.69 15.21 0.48
C HIS A 612 -36.26 15.63 0.17
N ASN A 613 -36.11 16.81 -0.41
CA ASN A 613 -34.82 17.38 -0.80
C ASN A 613 -34.61 18.71 -0.11
N ASP A 614 -33.37 19.21 -0.18
CA ASP A 614 -32.97 20.44 0.48
C ASP A 614 -32.98 21.65 -0.44
N GLU A 615 -33.45 21.51 -1.68
CA GLU A 615 -33.50 22.63 -2.61
C GLU A 615 -34.76 23.46 -2.33
N ASN A 616 -34.80 23.96 -1.10
CA ASN A 616 -35.99 24.55 -0.50
C ASN A 616 -35.67 25.96 -0.02
N LEU A 617 -36.72 26.76 0.15
CA LEU A 617 -36.55 28.05 0.82
C LEU A 617 -36.47 27.88 2.34
N SER A 618 -37.20 26.91 2.89
CA SER A 618 -37.09 26.64 4.32
C SER A 618 -35.69 26.15 4.67
N SER A 619 -35.13 25.28 3.83
CA SER A 619 -33.80 24.72 4.11
C SER A 619 -32.72 25.78 3.96
N MET A 620 -32.64 26.42 2.78
CA MET A 620 -31.49 27.24 2.43
C MET A 620 -31.60 28.69 2.86
N ALA A 621 -32.77 29.12 3.33
CA ALA A 621 -32.92 30.47 3.86
C ALA A 621 -33.17 30.50 5.36
N LEU A 622 -34.00 29.61 5.88
CA LEU A 622 -34.35 29.62 7.29
C LEU A 622 -33.64 28.54 8.09
N GLY A 623 -32.89 27.65 7.44
CA GLY A 623 -32.17 26.63 8.16
C GLY A 623 -32.99 25.44 8.61
N GLY A 624 -34.21 25.29 8.11
CA GLY A 624 -35.00 24.09 8.38
C GLY A 624 -34.72 23.04 7.33
N MET A 625 -33.61 22.33 7.49
CA MET A 625 -33.10 21.45 6.45
C MET A 625 -33.64 20.03 6.60
N THR A 626 -33.44 19.23 5.55
CA THR A 626 -33.89 17.84 5.57
C THR A 626 -33.08 17.03 6.57
N ARG A 627 -31.76 17.20 6.58
CA ARG A 627 -30.88 16.51 7.49
C ARG A 627 -30.05 17.44 8.35
N GLY A 628 -29.86 18.69 7.95
CA GLY A 628 -29.05 19.61 8.71
C GLY A 628 -27.59 19.57 8.31
N MET A 629 -26.79 20.33 9.06
CA MET A 629 -25.35 20.37 8.87
C MET A 629 -24.66 20.06 10.19
N THR A 630 -23.43 19.55 10.11
CA THR A 630 -22.69 19.32 11.33
C THR A 630 -22.03 20.62 11.80
N ASN A 631 -21.66 20.62 13.08
CA ASN A 631 -20.98 21.77 13.66
C ASN A 631 -19.67 22.06 12.94
N LEU A 632 -18.99 21.01 12.47
CA LEU A 632 -17.73 21.22 11.75
C LEU A 632 -17.96 21.95 10.44
N LYS A 633 -19.01 21.58 9.71
CA LYS A 633 -19.27 22.21 8.43
C LYS A 633 -19.71 23.66 8.60
N MET A 634 -20.50 23.94 9.64
CA MET A 634 -20.94 25.32 9.88
C MET A 634 -19.77 26.20 10.30
N THR A 635 -18.92 25.70 11.21
CA THR A 635 -17.78 26.50 11.65
C THR A 635 -16.80 26.74 10.51
N GLY A 636 -16.50 25.71 9.71
CA GLY A 636 -15.59 25.89 8.59
C GLY A 636 -16.13 26.84 7.54
N ALA A 637 -17.44 26.96 7.43
CA ALA A 637 -18.03 27.90 6.49
C ALA A 637 -17.97 29.32 7.02
N TYR A 638 -18.30 29.52 8.30
CA TYR A 638 -18.14 30.83 8.92
C TYR A 638 -16.68 31.26 8.95
N ALA A 639 -15.75 30.30 9.10
CA ALA A 639 -14.34 30.62 9.06
C ALA A 639 -13.94 31.29 7.75
N ALA A 640 -14.66 30.98 6.67
CA ALA A 640 -14.42 31.66 5.40
C ALA A 640 -14.74 33.15 5.51
N ILE A 641 -15.87 33.49 6.15
CA ILE A 641 -16.21 34.89 6.37
C ILE A 641 -15.12 35.57 7.19
N ALA A 642 -14.66 34.89 8.25
CA ALA A 642 -13.61 35.47 9.09
C ALA A 642 -12.30 35.60 8.36
N ASN A 643 -12.01 34.70 7.42
CA ASN A 643 -10.73 34.72 6.70
C ASN A 643 -10.84 35.50 5.39
N ASP A 644 -11.41 36.70 5.47
CA ASP A 644 -11.50 37.61 4.32
C ASP A 644 -12.20 36.96 3.13
N GLY A 645 -13.21 36.13 3.41
CA GLY A 645 -13.98 35.52 2.34
C GLY A 645 -13.31 34.32 1.69
N ARG A 646 -12.20 33.84 2.22
CA ARG A 646 -11.49 32.70 1.65
C ARG A 646 -11.73 31.48 2.52
N TYR A 647 -12.32 30.44 1.94
CA TYR A 647 -12.54 29.18 2.64
C TYR A 647 -11.26 28.36 2.66
N ASN A 648 -11.00 27.72 3.80
CA ASN A 648 -9.92 26.75 3.94
C ASN A 648 -10.52 25.49 4.53
N GLU A 649 -10.33 24.37 3.83
CA GLU A 649 -10.79 23.09 4.34
C GLU A 649 -10.21 22.85 5.74
N PRO A 650 -11.04 22.65 6.76
CA PRO A 650 -10.52 22.40 8.11
C PRO A 650 -9.67 21.14 8.14
N ILE A 651 -8.39 21.30 8.48
CA ILE A 651 -7.48 20.18 8.63
C ILE A 651 -7.17 20.02 10.12
N SER A 652 -6.97 18.76 10.53
CA SER A 652 -6.65 18.42 11.91
C SER A 652 -5.23 17.92 12.09
N PHE A 653 -4.45 17.83 11.01
CA PHE A 653 -3.07 17.39 11.08
C PHE A 653 -2.28 18.14 10.02
N THR A 654 -0.96 18.24 10.24
CA THR A 654 -0.09 18.91 9.29
C THR A 654 0.84 17.99 8.53
N LYS A 655 1.22 16.84 9.11
CA LYS A 655 2.03 15.86 8.41
C LYS A 655 1.95 14.53 9.14
N VAL A 656 2.17 13.45 8.38
CA VAL A 656 2.26 12.11 8.93
C VAL A 656 3.63 11.54 8.55
N VAL A 657 4.37 11.08 9.54
CA VAL A 657 5.75 10.65 9.37
C VAL A 657 5.84 9.16 9.65
N ASP A 658 6.51 8.44 8.75
CA ASP A 658 6.61 6.99 8.88
C ASP A 658 7.78 6.63 9.80
N SER A 659 8.04 5.33 9.92
CA SER A 659 9.09 4.85 10.80
C SER A 659 10.45 5.45 10.44
N THR A 660 10.79 5.41 9.15
CA THR A 660 12.09 5.92 8.70
C THR A 660 12.24 7.41 9.01
N GLY A 661 11.16 8.17 8.85
CA GLY A 661 11.22 9.58 9.15
C GLY A 661 10.79 10.49 8.01
N LYS A 662 10.27 9.90 6.94
CA LYS A 662 9.82 10.68 5.80
C LYS A 662 8.33 11.00 5.93
N THR A 663 7.95 12.18 5.46
CA THR A 663 6.55 12.60 5.45
C THR A 663 5.81 11.83 4.36
N ILE A 664 4.99 10.86 4.76
CA ILE A 664 4.18 10.11 3.80
C ILE A 664 2.85 10.76 3.50
N LEU A 665 2.42 11.72 4.30
CA LEU A 665 1.12 12.37 4.11
C LEU A 665 1.18 13.79 4.62
N GLU A 666 0.68 14.70 3.81
CA GLU A 666 0.58 16.13 4.10
C GLU A 666 -0.75 16.57 3.53
N PRO A 667 -1.64 17.13 4.36
CA PRO A 667 -3.00 17.39 3.88
C PRO A 667 -2.98 18.42 2.77
N GLU A 668 -3.93 18.28 1.86
CA GLU A 668 -4.05 19.21 0.75
C GLU A 668 -5.30 20.04 1.04
N GLN A 669 -5.07 21.27 1.48
CA GLN A 669 -6.13 22.16 1.93
C GLN A 669 -6.85 22.78 0.73
N LYS A 670 -8.10 22.38 0.50
CA LYS A 670 -8.87 22.93 -0.60
C LYS A 670 -9.25 24.39 -0.30
N GLN A 671 -8.35 25.32 -0.65
CA GLN A 671 -8.58 26.74 -0.43
C GLN A 671 -9.39 27.36 -1.57
N ARG A 672 -10.61 27.83 -1.27
CA ARG A 672 -11.46 28.47 -2.28
C ARG A 672 -12.02 29.79 -1.77
N GLN A 673 -12.03 30.79 -2.65
CA GLN A 673 -12.52 32.13 -2.31
C GLN A 673 -14.04 32.15 -2.45
N VAL A 674 -14.75 32.31 -1.34
CA VAL A 674 -16.21 32.33 -1.37
C VAL A 674 -16.74 33.71 -1.77
N THR A 675 -16.19 34.76 -1.18
CA THR A 675 -16.62 36.11 -1.50
C THR A 675 -15.44 37.05 -1.40
N SER A 676 -15.66 38.30 -1.80
CA SER A 676 -14.61 39.29 -1.81
C SER A 676 -14.18 39.64 -0.39
N LYS A 677 -12.94 40.11 -0.27
CA LYS A 677 -12.42 40.60 1.00
C LYS A 677 -13.30 41.71 1.55
N GLU A 678 -13.87 42.54 0.68
CA GLU A 678 -14.70 43.66 1.10
C GLU A 678 -16.01 43.17 1.70
N ASN A 679 -16.70 42.25 1.01
CA ASN A 679 -17.97 41.75 1.52
C ASN A 679 -17.79 40.96 2.80
N ALA A 680 -16.67 40.23 2.95
CA ALA A 680 -16.41 39.53 4.19
C ALA A 680 -16.33 40.49 5.36
N PHE A 681 -15.67 41.64 5.16
CA PHE A 681 -15.58 42.64 6.22
C PHE A 681 -16.95 43.20 6.58
N ILE A 682 -17.73 43.56 5.56
CA ILE A 682 -19.07 44.10 5.79
C ILE A 682 -19.91 43.11 6.57
N MET A 683 -19.83 41.82 6.22
CA MET A 683 -20.63 40.82 6.90
C MET A 683 -20.19 40.66 8.35
N ARG A 684 -18.89 40.70 8.62
CA ARG A 684 -18.42 40.66 9.99
C ARG A 684 -18.93 41.86 10.78
N ASP A 685 -18.94 43.04 10.15
CA ASP A 685 -19.40 44.23 10.85
C ASP A 685 -20.90 44.18 11.11
N ILE A 686 -21.66 43.61 10.16
CA ILE A 686 -23.10 43.43 10.38
C ILE A 686 -23.34 42.51 11.57
N LEU A 687 -22.68 41.35 11.57
CA LEU A 687 -22.88 40.39 12.64
C LEU A 687 -22.23 40.82 13.95
N LYS A 688 -21.49 41.93 13.96
CA LYS A 688 -20.94 42.43 15.21
C LYS A 688 -22.04 42.98 16.11
N GLY A 689 -23.15 43.42 15.52
CA GLY A 689 -24.28 43.94 16.26
C GLY A 689 -25.24 42.91 16.78
N VAL A 690 -24.97 41.63 16.56
CA VAL A 690 -25.84 40.54 16.99
C VAL A 690 -25.74 40.30 18.50
N PRO A 691 -24.53 40.27 19.11
CA PRO A 691 -24.48 40.03 20.56
C PRO A 691 -25.28 40.99 21.41
N ASP A 692 -25.26 42.29 21.09
CA ASP A 692 -26.02 43.25 21.89
C ASP A 692 -27.52 43.06 21.76
N VAL A 693 -27.99 42.46 20.68
CA VAL A 693 -29.42 42.30 20.42
C VAL A 693 -29.93 40.94 20.90
N MET A 694 -29.12 39.88 20.75
CA MET A 694 -29.58 38.52 20.99
C MET A 694 -28.60 37.60 21.69
N ALA A 695 -27.41 38.07 22.05
CA ALA A 695 -26.39 37.15 22.56
C ALA A 695 -25.42 37.89 23.48
N HIS A 696 -25.95 38.47 24.55
CA HIS A 696 -25.08 39.16 25.51
C HIS A 696 -24.05 38.22 26.10
N GLY A 697 -24.38 36.92 26.21
CA GLY A 697 -23.45 35.95 26.75
C GLY A 697 -22.23 35.72 25.89
N ALA A 698 -22.28 36.11 24.63
CA ALA A 698 -21.17 35.92 23.71
C ALA A 698 -20.15 37.06 23.74
N LYS A 699 -20.49 38.18 24.36
CA LYS A 699 -19.58 39.32 24.40
C LYS A 699 -18.35 39.02 25.26
N HIS A 700 -17.17 39.43 24.76
CA HIS A 700 -15.88 39.26 25.40
C HIS A 700 -15.38 40.60 25.93
N PRO A 701 -14.73 40.60 27.10
CA PRO A 701 -14.32 41.88 27.70
C PRO A 701 -13.36 42.70 26.86
N THR A 702 -12.35 42.08 26.25
CA THR A 702 -11.28 42.81 25.61
C THR A 702 -11.08 42.50 24.13
N ILE A 703 -11.84 41.56 23.56
CA ILE A 703 -11.66 41.14 22.18
C ILE A 703 -13.01 41.18 21.47
N GLU A 704 -13.04 41.79 20.29
CA GLU A 704 -14.30 41.98 19.58
C GLU A 704 -14.87 40.63 19.13
N VAL A 705 -16.20 40.52 19.19
CA VAL A 705 -16.91 39.29 18.89
C VAL A 705 -17.99 39.57 17.86
N SER A 706 -18.01 38.77 16.79
CA SER A 706 -19.02 38.84 15.75
C SER A 706 -19.57 37.44 15.50
N GLY A 707 -20.88 37.32 15.37
CA GLY A 707 -21.47 36.01 15.15
C GLY A 707 -22.96 36.10 14.89
N LYS A 708 -23.57 34.92 14.75
CA LYS A 708 -25.00 34.81 14.47
C LYS A 708 -25.62 33.74 15.37
N THR A 709 -26.83 34.01 15.85
CA THR A 709 -27.57 33.06 16.67
C THR A 709 -28.48 32.19 15.79
N GLY A 710 -28.84 31.03 16.33
CA GLY A 710 -29.77 30.14 15.68
C GLY A 710 -30.59 29.33 16.67
N THR A 711 -31.89 29.62 16.77
CA THR A 711 -32.83 28.80 17.53
C THR A 711 -33.81 28.19 16.54
N THR A 712 -33.86 26.86 16.49
CA THR A 712 -34.74 26.19 15.55
C THR A 712 -36.16 26.11 16.12
N ASP A 713 -37.06 25.59 15.29
CA ASP A 713 -38.48 25.52 15.64
C ASP A 713 -38.67 24.80 16.97
N ASP A 714 -39.45 25.43 17.86
CA ASP A 714 -39.79 24.89 19.17
C ASP A 714 -38.58 24.79 20.09
N VAL A 715 -37.54 25.57 19.83
CA VAL A 715 -36.29 25.55 20.58
C VAL A 715 -35.70 24.14 20.55
N GLN A 716 -35.74 23.50 19.37
CA GLN A 716 -35.16 22.17 19.23
C GLN A 716 -33.64 22.22 19.26
N ASP A 717 -33.06 23.24 18.65
CA ASP A 717 -31.62 23.42 18.62
C ASP A 717 -31.30 24.87 18.99
N SER A 718 -30.20 25.05 19.69
CA SER A 718 -29.67 26.37 19.99
C SER A 718 -28.28 26.47 19.41
N TRP A 719 -28.04 27.49 18.60
CA TRP A 719 -26.77 27.64 17.90
C TRP A 719 -26.19 29.03 18.16
N PHE A 720 -24.87 29.10 18.14
CA PHE A 720 -24.17 30.35 17.90
C PHE A 720 -22.88 30.04 17.17
N VAL A 721 -22.69 30.68 16.02
CA VAL A 721 -21.47 30.53 15.24
C VAL A 721 -20.91 31.91 14.97
N GLY A 722 -19.64 32.11 15.27
CA GLY A 722 -19.02 33.41 15.09
C GLY A 722 -17.52 33.33 15.13
N PHE A 723 -16.90 34.50 15.34
CA PHE A 723 -15.46 34.59 15.24
C PHE A 723 -14.99 35.85 15.95
N THR A 724 -13.78 35.77 16.49
CA THR A 724 -13.01 36.92 16.94
C THR A 724 -11.90 37.17 15.92
N PRO A 725 -11.08 38.22 16.06
CA PRO A 725 -9.90 38.35 15.20
C PRO A 725 -8.98 37.14 15.22
N TYR A 726 -9.14 36.26 16.22
CA TYR A 726 -8.23 35.13 16.44
C TYR A 726 -8.77 33.82 15.89
N TYR A 727 -9.90 33.33 16.42
CA TYR A 727 -10.43 32.02 16.05
C TYR A 727 -11.89 32.14 15.63
N THR A 728 -12.35 31.12 14.89
CA THR A 728 -13.75 30.94 14.54
C THR A 728 -14.30 29.78 15.35
N ILE A 729 -15.45 29.99 16.00
CA ILE A 729 -16.00 29.02 16.94
C ILE A 729 -17.46 28.76 16.58
N GLY A 730 -17.89 27.51 16.74
CA GLY A 730 -19.28 27.17 16.58
C GLY A 730 -19.78 26.30 17.72
N THR A 731 -20.90 26.68 18.34
CA THR A 731 -21.43 25.99 19.50
C THR A 731 -22.90 25.65 19.26
N TRP A 732 -23.25 24.39 19.48
CA TRP A 732 -24.61 23.90 19.39
C TRP A 732 -25.03 23.29 20.72
N ILE A 733 -26.29 23.47 21.09
CA ILE A 733 -26.88 22.81 22.24
C ILE A 733 -28.24 22.26 21.83
N GLY A 734 -28.52 21.03 22.25
CA GLY A 734 -29.81 20.44 21.99
C GLY A 734 -29.88 19.05 22.59
N PHE A 735 -31.07 18.48 22.56
CA PHE A 735 -31.26 17.12 23.03
C PHE A 735 -31.02 16.14 21.89
N ASP A 736 -30.36 15.03 22.20
CA ASP A 736 -30.06 14.03 21.18
C ASP A 736 -31.33 13.53 20.53
N ASN A 737 -32.37 13.31 21.32
CA ASN A 737 -33.69 12.96 20.80
C ASN A 737 -34.43 14.26 20.51
N GLN A 738 -34.58 14.59 19.23
CA GLN A 738 -35.16 15.86 18.84
C GLN A 738 -36.60 16.04 19.31
N HIS A 739 -37.26 14.97 19.79
CA HIS A 739 -38.60 15.12 20.34
C HIS A 739 -38.58 15.88 21.66
N ILE A 740 -37.50 15.74 22.44
CA ILE A 740 -37.30 16.59 23.61
C ILE A 740 -36.75 17.93 23.14
N LYS A 741 -37.33 19.01 23.65
CA LYS A 741 -36.93 20.36 23.28
C LYS A 741 -36.27 21.05 24.47
N LEU A 742 -35.87 22.29 24.26
CA LEU A 742 -35.26 23.11 25.30
C LEU A 742 -36.29 24.08 25.84
N ASN A 743 -36.26 24.30 27.16
CA ASN A 743 -37.12 25.28 27.80
C ASN A 743 -36.39 26.59 28.08
N ASN A 744 -35.27 26.81 27.41
CA ASN A 744 -34.44 28.00 27.57
C ASN A 744 -34.33 28.63 26.18
N ASN A 745 -35.28 29.49 25.85
CA ASN A 745 -35.21 30.27 24.61
C ASN A 745 -34.53 31.61 24.86
N ASN A 746 -33.41 31.59 25.57
CA ASN A 746 -32.62 32.79 25.82
C ASN A 746 -31.22 32.64 25.23
N SER A 747 -31.15 32.11 24.01
CA SER A 747 -29.90 31.96 23.28
C SER A 747 -28.84 31.27 24.13
N MET A 748 -29.18 30.10 24.65
CA MET A 748 -28.30 29.48 25.63
C MET A 748 -27.03 28.93 25.01
N ALA A 749 -27.04 28.63 23.71
CA ALA A 749 -25.79 28.24 23.05
C ALA A 749 -24.83 29.42 22.97
N ALA A 750 -25.36 30.63 22.77
CA ALA A 750 -24.51 31.81 22.75
C ALA A 750 -23.89 32.07 24.12
N THR A 751 -24.63 31.79 25.20
CA THR A 751 -24.08 31.92 26.53
C THR A 751 -22.90 30.97 26.72
N LEU A 752 -23.08 29.70 26.31
CA LEU A 752 -21.97 28.75 26.40
C LEU A 752 -20.86 29.13 25.43
N TRP A 753 -21.21 29.61 24.23
CA TRP A 753 -20.21 30.04 23.26
C TRP A 753 -19.27 31.08 23.88
N GLY A 754 -19.81 32.01 24.66
CA GLY A 754 -18.97 32.97 25.34
C GLY A 754 -18.04 32.31 26.34
N LYS A 755 -18.53 31.28 27.04
CA LYS A 755 -17.67 30.54 27.96
C LYS A 755 -16.59 29.79 27.20
N VAL A 756 -16.93 29.21 26.06
CA VAL A 756 -15.94 28.54 25.23
C VAL A 756 -14.93 29.56 24.70
N ASN A 757 -15.42 30.70 24.19
CA ASN A 757 -14.54 31.70 23.60
C ASN A 757 -13.58 32.27 24.65
N ARG A 758 -14.06 32.49 25.87
CA ARG A 758 -13.18 33.01 26.92
C ARG A 758 -12.09 32.03 27.29
N ILE A 759 -12.37 30.73 27.20
CA ILE A 759 -11.35 29.73 27.45
C ILE A 759 -10.35 29.69 26.31
N VAL A 760 -10.83 29.75 25.06
CA VAL A 760 -9.95 29.69 23.90
C VAL A 760 -9.03 30.90 23.85
N LEU A 761 -9.51 32.06 24.29
CA LEU A 761 -8.77 33.31 24.15
C LEU A 761 -7.95 33.65 25.39
N GLU A 762 -7.72 32.69 26.27
CA GLU A 762 -7.00 32.97 27.50
C GLU A 762 -5.57 33.34 27.18
N GLY A 763 -5.11 34.47 27.73
CA GLY A 763 -3.77 34.96 27.50
C GLY A 763 -3.60 35.78 26.25
N LYS A 764 -4.57 35.78 25.34
CA LYS A 764 -4.44 36.56 24.11
C LYS A 764 -4.62 38.04 24.40
N GLU A 765 -3.85 38.87 23.70
CA GLU A 765 -3.90 40.30 23.89
C GLU A 765 -5.23 40.87 23.38
N PRO A 766 -5.65 42.01 23.92
CA PRO A 766 -6.84 42.68 23.38
C PRO A 766 -6.64 43.01 21.90
N LYS A 767 -7.66 42.73 21.10
CA LYS A 767 -7.57 42.92 19.66
C LYS A 767 -8.95 43.25 19.12
N LYS A 768 -8.97 44.06 18.07
CA LYS A 768 -10.18 44.42 17.34
C LYS A 768 -10.11 43.80 15.94
N PHE A 769 -11.26 43.71 15.30
CA PHE A 769 -11.28 43.22 13.92
C PHE A 769 -10.48 44.14 13.00
N ASP A 770 -9.99 43.57 11.91
CA ASP A 770 -9.22 44.34 10.95
C ASP A 770 -10.05 45.50 10.41
N GLY A 771 -9.39 46.60 10.09
CA GLY A 771 -10.07 47.76 9.58
C GLY A 771 -10.60 47.53 8.17
N PRO A 772 -11.32 48.53 7.65
CA PRO A 772 -11.86 48.40 6.30
C PRO A 772 -10.75 48.45 5.26
N SER A 773 -10.98 47.73 4.17
CA SER A 773 -10.06 47.77 3.03
C SER A 773 -10.16 49.12 2.32
N GLU A 774 -9.23 49.37 1.41
CA GLU A 774 -9.24 50.61 0.65
C GLU A 774 -10.26 50.61 -0.48
N ASN A 775 -10.98 49.50 -0.68
CA ASN A 775 -12.03 49.42 -1.69
C ASN A 775 -13.42 49.50 -1.07
N ILE A 776 -13.52 50.12 0.10
CA ILE A 776 -14.79 50.30 0.81
C ILE A 776 -14.92 51.77 1.17
N ILE A 777 -16.07 52.36 0.86
CA ILE A 777 -16.35 53.76 1.16
C ILE A 777 -17.53 53.81 2.12
N ARG A 778 -17.61 54.88 2.90
CA ARG A 778 -18.72 55.10 3.82
C ARG A 778 -19.56 56.26 3.33
N LYS A 779 -20.89 56.12 3.45
CA LYS A 779 -21.81 57.13 2.99
C LYS A 779 -22.97 57.25 3.98
N TYR A 780 -23.47 58.49 4.11
CA TYR A 780 -24.62 58.80 4.95
C TYR A 780 -25.89 58.53 4.15
N VAL A 781 -26.59 57.44 4.48
CA VAL A 781 -27.69 56.95 3.65
C VAL A 781 -28.96 56.81 4.49
N SER A 782 -30.09 56.78 3.79
CA SER A 782 -31.41 56.67 4.41
C SER A 782 -31.88 55.22 4.43
N ILE A 783 -32.47 54.81 5.56
CA ILE A 783 -32.96 53.45 5.71
C ILE A 783 -34.21 53.20 4.85
N ARG A 784 -34.93 54.26 4.48
CA ARG A 784 -36.18 54.06 3.74
C ARG A 784 -35.88 53.55 2.33
N THR A 785 -34.93 54.15 1.64
CA THR A 785 -34.39 53.63 0.40
C THR A 785 -32.96 53.16 0.68
N GLY A 786 -31.99 53.48 -0.18
CA GLY A 786 -30.60 53.27 0.14
C GLY A 786 -29.84 54.51 -0.30
N LEU A 787 -30.59 55.49 -0.80
CA LEU A 787 -30.01 56.64 -1.46
C LEU A 787 -29.39 57.60 -0.44
N LEU A 788 -28.50 58.46 -0.95
CA LEU A 788 -27.80 59.41 -0.11
C LEU A 788 -28.79 60.28 0.66
N ALA A 789 -28.63 60.31 1.99
CA ALA A 789 -29.54 61.07 2.83
C ALA A 789 -29.11 62.53 2.91
N THR A 790 -30.09 63.42 2.83
CA THR A 790 -29.88 64.84 3.03
C THR A 790 -30.43 65.24 4.39
N GLU A 791 -30.22 66.51 4.75
CA GLU A 791 -30.81 67.03 5.96
C GLU A 791 -32.32 66.93 5.89
N GLY A 792 -32.95 66.64 7.01
CA GLY A 792 -34.37 66.39 7.04
C GLY A 792 -34.76 64.96 6.78
N THR A 793 -33.82 64.11 6.43
CA THR A 793 -34.12 62.68 6.31
C THR A 793 -34.41 62.11 7.69
N GLU A 794 -35.50 61.35 7.79
CA GLU A 794 -35.95 60.81 9.07
C GLU A 794 -34.88 59.90 9.67
N LYS A 795 -34.70 58.73 9.09
CA LYS A 795 -33.74 57.76 9.59
C LYS A 795 -32.56 57.70 8.64
N ALA A 796 -31.35 57.89 9.17
CA ALA A 796 -30.14 57.89 8.36
C ALA A 796 -28.96 57.48 9.22
N ILE A 797 -28.09 56.64 8.66
CA ILE A 797 -26.87 56.18 9.31
C ILE A 797 -25.74 56.17 8.29
N TYR A 798 -24.52 56.01 8.79
CA TYR A 798 -23.36 55.76 7.95
C TYR A 798 -23.17 54.26 7.79
N GLU A 799 -23.09 53.79 6.55
CA GLU A 799 -22.98 52.37 6.26
C GLU A 799 -21.78 52.14 5.36
N TYR A 800 -21.19 50.95 5.48
CA TYR A 800 -20.11 50.54 4.59
C TYR A 800 -20.66 50.10 3.25
N PHE A 801 -19.99 50.54 2.18
CA PHE A 801 -20.32 50.12 0.83
C PHE A 801 -19.04 49.72 0.11
N VAL A 802 -19.13 48.66 -0.70
CA VAL A 802 -18.04 48.35 -1.61
C VAL A 802 -17.96 49.46 -2.66
N LYS A 803 -16.75 49.98 -2.87
CA LYS A 803 -16.59 51.06 -3.84
C LYS A 803 -17.14 50.64 -5.19
N GLY A 804 -18.11 51.39 -5.69
CA GLY A 804 -18.84 51.05 -6.89
C GLY A 804 -20.26 50.58 -6.64
N THR A 805 -20.66 50.40 -5.38
CA THR A 805 -22.02 50.01 -5.03
C THR A 805 -22.74 51.05 -4.18
N GLU A 806 -22.06 52.12 -3.78
CA GLU A 806 -22.71 53.15 -2.97
C GLU A 806 -23.66 53.98 -3.83
N PRO A 807 -24.72 54.51 -3.22
CA PRO A 807 -25.67 55.34 -4.00
C PRO A 807 -25.04 56.65 -4.44
N THR A 808 -25.38 57.07 -5.65
CA THR A 808 -24.89 58.33 -6.18
C THR A 808 -25.93 59.44 -6.17
N LYS A 809 -27.22 59.12 -6.07
CA LYS A 809 -28.28 60.10 -6.05
C LYS A 809 -28.82 60.28 -4.63
N TYR A 810 -29.60 61.35 -4.46
CA TYR A 810 -30.11 61.73 -3.14
C TYR A 810 -31.57 61.37 -3.00
N GLU A 811 -31.99 61.15 -1.76
CA GLU A 811 -33.35 60.75 -1.42
C GLU A 811 -34.40 61.71 -1.99
N GLN B 19 8.41 -53.97 -7.69
CA GLN B 19 8.18 -52.95 -8.71
C GLN B 19 9.37 -51.97 -8.77
N SER B 20 9.52 -51.30 -9.90
CA SER B 20 10.58 -50.33 -10.12
C SER B 20 10.00 -48.92 -10.13
N SER B 21 10.83 -47.95 -9.74
CA SER B 21 10.39 -46.56 -9.67
C SER B 21 10.43 -45.91 -11.04
N THR B 22 9.44 -45.06 -11.31
CA THR B 22 9.28 -44.43 -12.61
C THR B 22 9.06 -42.94 -12.44
N ILE B 23 9.52 -42.18 -13.45
CA ILE B 23 9.25 -40.75 -13.57
C ILE B 23 8.37 -40.55 -14.78
N LEU B 24 7.32 -39.75 -14.62
CA LEU B 24 6.41 -39.41 -15.70
C LEU B 24 6.59 -37.94 -16.07
N ASP B 25 5.94 -37.55 -17.16
CA ASP B 25 5.90 -36.15 -17.56
C ASP B 25 4.61 -35.52 -17.05
N ARG B 26 4.38 -34.26 -17.41
CA ARG B 26 3.18 -33.58 -16.96
C ARG B 26 1.91 -34.13 -17.60
N ASN B 27 2.03 -35.15 -18.48
CA ASN B 27 0.87 -35.80 -19.07
C ASN B 27 0.84 -37.30 -18.79
N GLU B 28 1.54 -37.74 -17.74
CA GLU B 28 1.50 -39.10 -17.22
C GLU B 28 2.25 -40.10 -18.10
N ASN B 29 3.02 -39.63 -19.07
CA ASN B 29 3.75 -40.54 -19.96
C ASN B 29 5.07 -40.94 -19.33
N LEU B 30 5.47 -42.20 -19.55
CA LEU B 30 6.70 -42.70 -18.95
C LEU B 30 7.91 -42.00 -19.57
N VAL B 31 8.84 -41.60 -18.72
CA VAL B 31 9.98 -40.80 -19.14
C VAL B 31 11.28 -41.47 -18.69
N GLU B 32 11.27 -42.08 -17.50
CA GLU B 32 12.41 -42.83 -17.02
C GLU B 32 11.95 -43.95 -16.11
N LYS B 33 12.59 -45.12 -16.26
CA LYS B 33 12.52 -46.19 -15.27
C LYS B 33 13.78 -46.09 -14.43
N ILE B 34 13.62 -45.76 -13.14
CA ILE B 34 14.77 -45.46 -12.30
C ILE B 34 15.49 -46.75 -11.93
N GLU B 35 16.80 -46.79 -12.18
CA GLU B 35 17.64 -47.91 -11.79
C GLU B 35 18.93 -47.37 -11.16
N ASN B 36 19.52 -48.16 -10.28
CA ASN B 36 20.72 -47.74 -9.57
C ASN B 36 21.94 -48.00 -10.46
N LEU B 37 22.67 -46.93 -10.79
CA LEU B 37 23.82 -47.04 -11.69
C LEU B 37 25.05 -46.38 -11.07
N PHE B 257 13.55 -48.70 -19.82
CA PHE B 257 13.22 -48.73 -21.25
C PHE B 257 14.09 -47.75 -22.02
N GLU B 258 13.73 -47.48 -23.27
CA GLU B 258 14.48 -46.57 -24.12
C GLU B 258 14.15 -45.14 -23.74
N ARG B 259 15.11 -44.45 -23.14
CA ARG B 259 14.93 -43.03 -22.84
C ARG B 259 14.68 -42.24 -24.12
N GLU B 260 13.87 -41.21 -24.01
CA GLU B 260 13.61 -40.31 -25.13
C GLU B 260 14.07 -38.89 -24.90
N VAL B 261 14.54 -38.56 -23.70
CA VAL B 261 15.12 -37.25 -23.39
C VAL B 261 16.42 -37.45 -22.64
N SER B 262 17.28 -36.45 -22.71
CA SER B 262 18.55 -36.50 -21.99
C SER B 262 18.31 -36.50 -20.49
N THR B 263 19.37 -36.80 -19.73
CA THR B 263 19.25 -36.90 -18.29
C THR B 263 19.12 -35.56 -17.57
N TYR B 264 19.09 -34.43 -18.29
CA TYR B 264 19.08 -33.13 -17.63
C TYR B 264 17.89 -32.99 -16.68
N PHE B 265 16.67 -33.13 -17.22
CA PHE B 265 15.48 -32.89 -16.41
C PHE B 265 15.32 -33.98 -15.35
N THR B 266 15.42 -35.25 -15.76
CA THR B 266 15.14 -36.35 -14.83
C THR B 266 16.13 -36.38 -13.67
N GLU B 267 17.38 -35.99 -13.90
CA GLU B 267 18.35 -35.94 -12.80
C GLU B 267 17.91 -34.97 -11.73
N TYR B 268 17.45 -33.78 -12.13
CA TYR B 268 17.01 -32.79 -11.16
C TYR B 268 15.76 -33.23 -10.43
N VAL B 269 14.87 -33.96 -11.12
CA VAL B 269 13.70 -34.53 -10.46
C VAL B 269 14.13 -35.41 -9.29
N LYS B 270 15.00 -36.38 -9.55
CA LYS B 270 15.45 -37.28 -8.49
C LYS B 270 16.21 -36.52 -7.41
N TYR B 271 17.02 -35.53 -7.81
CA TYR B 271 17.70 -34.69 -6.84
C TYR B 271 16.70 -33.98 -5.94
N GLN B 272 15.70 -33.33 -6.54
CA GLN B 272 14.75 -32.54 -5.76
C GLN B 272 13.83 -33.42 -4.94
N VAL B 273 13.37 -34.55 -5.51
CA VAL B 273 12.56 -35.48 -4.74
C VAL B 273 13.31 -35.96 -3.50
N ALA B 274 14.61 -36.22 -3.64
CA ALA B 274 15.41 -36.66 -2.50
C ALA B 274 15.51 -35.57 -1.44
N GLU B 275 15.76 -34.32 -1.85
CA GLU B 275 15.81 -33.22 -0.91
C GLU B 275 14.50 -33.07 -0.16
N LYS B 276 13.38 -33.03 -0.89
CA LYS B 276 12.07 -32.87 -0.27
C LYS B 276 11.69 -34.08 0.57
N LEU B 277 12.23 -35.26 0.27
CA LEU B 277 12.01 -36.42 1.12
C LEU B 277 12.77 -36.26 2.44
N MET B 278 13.98 -35.73 2.38
CA MET B 278 14.74 -35.46 3.60
C MET B 278 14.07 -34.37 4.45
N LYS B 279 13.61 -33.29 3.80
CA LYS B 279 12.99 -32.20 4.55
C LYS B 279 11.72 -32.67 5.25
N LYS B 280 10.87 -33.42 4.54
CA LYS B 280 9.60 -33.82 5.11
C LYS B 280 9.76 -34.95 6.13
N PHE B 281 10.54 -35.98 5.78
CA PHE B 281 10.60 -37.21 6.57
C PHE B 281 11.87 -37.35 7.39
N ASN B 282 12.75 -36.35 7.38
CA ASN B 282 14.01 -36.38 8.14
C ASN B 282 14.88 -37.58 7.75
N TYR B 283 14.83 -37.96 6.48
CA TYR B 283 15.69 -39.00 5.96
C TYR B 283 17.12 -38.49 5.78
N THR B 284 18.07 -39.41 5.75
CA THR B 284 19.42 -39.08 5.36
C THR B 284 19.54 -39.18 3.84
N LYS B 285 20.70 -38.78 3.32
CA LYS B 285 20.93 -38.89 1.88
C LYS B 285 20.78 -40.33 1.40
N GLU B 286 21.31 -41.29 2.17
CA GLU B 286 21.17 -42.69 1.80
C GLU B 286 19.74 -43.18 1.96
N GLU B 287 19.09 -42.82 3.07
CA GLU B 287 17.71 -43.29 3.30
C GLU B 287 16.77 -42.75 2.23
N ALA B 288 16.91 -41.48 1.86
CA ALA B 288 16.03 -40.90 0.85
C ALA B 288 16.28 -41.50 -0.53
N TRP B 289 17.55 -41.73 -0.88
CA TRP B 289 17.85 -42.29 -2.19
C TRP B 289 17.53 -43.78 -2.25
N ASP B 290 17.66 -44.50 -1.13
CA ASP B 290 17.20 -45.88 -1.09
C ASP B 290 15.69 -45.96 -1.36
N LYS B 291 14.94 -44.93 -0.95
CA LYS B 291 13.51 -44.91 -1.20
C LYS B 291 13.22 -44.63 -2.67
N ILE B 292 14.01 -43.76 -3.29
CA ILE B 292 13.85 -43.49 -4.72
C ILE B 292 14.20 -44.72 -5.55
N TYR B 293 15.28 -45.41 -5.18
CA TYR B 293 15.74 -46.55 -5.98
C TYR B 293 14.84 -47.75 -5.82
N ASN B 294 14.52 -48.11 -4.58
CA ASN B 294 13.89 -49.39 -4.29
C ASN B 294 12.50 -49.27 -3.69
N GLY B 295 11.91 -48.07 -3.70
CA GLY B 295 10.63 -47.85 -3.08
C GLY B 295 9.42 -47.97 -3.97
N GLY B 296 9.58 -48.30 -5.24
CA GLY B 296 8.45 -48.38 -6.16
C GLY B 296 7.68 -47.09 -6.27
N LEU B 297 8.40 -45.98 -6.44
CA LEU B 297 7.79 -44.66 -6.42
C LEU B 297 7.39 -44.24 -7.83
N THR B 298 6.28 -43.50 -7.92
CA THR B 298 5.81 -42.91 -9.16
C THR B 298 5.90 -41.40 -9.02
N ILE B 299 6.81 -40.78 -9.76
CA ILE B 299 7.06 -39.35 -9.69
C ILE B 299 6.35 -38.68 -10.86
N HIS B 300 5.35 -37.84 -10.55
CA HIS B 300 4.62 -37.09 -11.56
C HIS B 300 5.34 -35.76 -11.75
N SER B 301 6.29 -35.74 -12.67
CA SER B 301 7.08 -34.54 -12.88
C SER B 301 6.30 -33.48 -13.63
N THR B 302 6.87 -32.28 -13.68
CA THR B 302 6.26 -31.14 -14.35
C THR B 302 6.73 -30.99 -15.79
N MET B 303 7.49 -31.96 -16.30
CA MET B 303 8.12 -31.82 -17.60
C MET B 303 7.10 -31.79 -18.74
N ASP B 304 7.31 -30.87 -19.67
CA ASP B 304 6.60 -30.88 -20.96
C ASP B 304 7.52 -31.61 -21.93
N GLN B 305 7.19 -32.86 -22.24
CA GLN B 305 8.13 -33.72 -22.96
C GLN B 305 8.41 -33.18 -24.36
N ASN B 306 7.41 -32.62 -25.02
CA ASN B 306 7.62 -32.09 -26.36
C ASN B 306 8.56 -30.89 -26.33
N ILE B 307 8.39 -29.98 -25.37
CA ILE B 307 9.27 -28.83 -25.26
C ILE B 307 10.69 -29.29 -24.92
N GLN B 308 10.81 -30.21 -23.96
CA GLN B 308 12.12 -30.72 -23.59
C GLN B 308 12.82 -31.39 -24.77
N LYS B 309 12.09 -32.24 -25.49
CA LYS B 309 12.65 -32.87 -26.68
C LYS B 309 13.09 -31.84 -27.71
N ASN B 310 12.22 -30.86 -27.99
CA ASN B 310 12.54 -29.87 -29.01
C ASN B 310 13.70 -28.98 -28.58
N LEU B 311 13.76 -28.62 -27.30
CA LEU B 311 14.88 -27.81 -26.83
C LEU B 311 16.19 -28.58 -26.92
N GLU B 312 16.13 -29.91 -26.77
CA GLU B 312 17.35 -30.70 -26.94
C GLU B 312 17.75 -30.79 -28.41
N LYS B 313 16.78 -30.81 -29.32
CA LYS B 313 17.08 -30.70 -30.75
C LYS B 313 17.91 -29.46 -31.03
N LEU B 314 17.48 -28.32 -30.47
CA LEU B 314 18.20 -27.07 -30.70
C LEU B 314 19.61 -27.14 -30.13
N TYR B 315 19.76 -27.65 -28.91
CA TYR B 315 21.06 -27.70 -28.28
C TYR B 315 21.97 -28.74 -28.93
N ALA B 316 21.39 -29.83 -29.43
CA ALA B 316 22.19 -30.79 -30.19
C ALA B 316 22.72 -30.16 -31.47
N ASP B 317 22.00 -29.20 -32.03
CA ASP B 317 22.42 -28.46 -33.22
C ASP B 317 22.95 -27.07 -32.87
N PHE B 318 23.58 -26.92 -31.71
CA PHE B 318 24.03 -25.60 -31.26
C PHE B 318 24.94 -24.93 -32.29
N ALA B 319 25.87 -25.69 -32.87
CA ALA B 319 26.84 -25.08 -33.78
C ALA B 319 26.17 -24.52 -35.02
N ASN B 320 25.15 -25.21 -35.53
CA ASN B 320 24.50 -24.76 -36.74
C ASN B 320 23.48 -23.66 -36.45
N ALA B 321 22.78 -23.76 -35.32
CA ALA B 321 21.78 -22.74 -35.01
C ALA B 321 22.42 -21.40 -34.70
N MET B 322 23.52 -21.40 -33.96
CA MET B 322 24.19 -20.17 -33.56
C MET B 322 25.22 -19.70 -34.58
N ASN B 323 25.26 -20.31 -35.77
CA ASN B 323 26.16 -19.90 -36.85
C ASN B 323 27.63 -19.92 -36.40
N ALA B 324 28.04 -21.04 -35.81
CA ALA B 324 29.42 -21.21 -35.38
C ALA B 324 30.36 -21.14 -36.59
N PRO B 325 31.28 -20.18 -36.65
CA PRO B 325 32.19 -20.10 -37.80
C PRO B 325 33.04 -21.35 -37.91
N ARG B 326 33.18 -21.85 -39.14
CA ARG B 326 33.78 -23.16 -39.35
C ARG B 326 35.07 -23.16 -40.14
N TYR B 327 35.61 -21.98 -40.51
CA TYR B 327 36.85 -21.95 -41.27
C TYR B 327 38.02 -21.31 -40.53
N GLY B 328 37.78 -20.47 -39.53
CA GLY B 328 38.86 -19.86 -38.79
C GLY B 328 39.28 -20.67 -37.58
N GLY B 329 39.61 -19.99 -36.47
CA GLY B 329 39.93 -20.67 -35.25
C GLY B 329 38.70 -21.31 -34.64
N PRO B 330 38.88 -21.94 -33.47
CA PRO B 330 37.75 -22.61 -32.82
C PRO B 330 36.60 -21.64 -32.60
N SER B 331 35.40 -22.09 -32.98
CA SER B 331 34.23 -21.22 -33.02
C SER B 331 34.01 -20.55 -31.68
N PHE B 332 33.77 -19.23 -31.72
CA PHE B 332 33.43 -18.40 -30.57
C PHE B 332 34.54 -18.29 -29.54
N ALA B 333 35.69 -18.93 -29.75
CA ALA B 333 36.71 -19.04 -28.72
C ALA B 333 37.69 -17.87 -28.79
N ALA B 334 37.88 -17.21 -27.66
CA ALA B 334 38.89 -16.17 -27.50
C ALA B 334 39.81 -16.59 -26.36
N PHE B 335 41.07 -16.87 -26.69
CA PHE B 335 42.01 -17.35 -25.69
C PHE B 335 43.43 -17.02 -26.11
N LYS B 336 44.35 -17.21 -25.16
CA LYS B 336 45.77 -17.03 -25.41
C LYS B 336 46.41 -18.38 -25.68
N ARG B 337 47.25 -18.45 -26.70
CA ARG B 337 47.95 -19.66 -27.07
C ARG B 337 49.45 -19.43 -27.05
N ASP B 338 50.20 -20.52 -26.81
CA ASP B 338 51.65 -20.44 -26.83
C ASP B 338 52.17 -20.78 -28.22
N ARG B 339 53.49 -20.82 -28.35
CA ARG B 339 54.11 -21.08 -29.65
C ARG B 339 53.79 -22.48 -30.18
N ALA B 340 53.34 -23.39 -29.31
CA ALA B 340 52.95 -24.73 -29.69
C ALA B 340 51.44 -24.92 -29.73
N SER B 341 50.66 -23.84 -29.69
CA SER B 341 49.21 -23.87 -29.80
C SER B 341 48.54 -24.56 -28.61
N ASN B 342 49.12 -24.42 -27.42
CA ASN B 342 48.46 -24.80 -26.19
C ASN B 342 47.72 -23.60 -25.63
N ILE B 343 46.55 -23.84 -25.04
CA ILE B 343 45.76 -22.77 -24.46
C ILE B 343 46.30 -22.45 -23.07
N THR B 344 46.54 -21.17 -22.81
CA THR B 344 47.15 -20.72 -21.57
C THR B 344 46.23 -19.75 -20.84
N ASP B 345 46.58 -19.46 -19.59
CA ASP B 345 45.89 -18.43 -18.82
C ASP B 345 46.48 -17.06 -19.16
N GLU B 346 45.99 -16.03 -18.46
CA GLU B 346 46.49 -14.67 -18.69
C GLU B 346 47.99 -14.58 -18.41
N LYS B 347 48.47 -15.33 -17.41
CA LYS B 347 49.89 -15.27 -17.07
C LYS B 347 50.73 -15.98 -18.12
N GLY B 348 50.27 -17.13 -18.61
CA GLY B 348 50.99 -17.85 -19.64
C GLY B 348 51.09 -19.34 -19.36
N ASN B 349 50.58 -19.77 -18.21
CA ASN B 349 50.63 -21.18 -17.84
C ASN B 349 49.67 -21.99 -18.69
N ILE B 350 50.12 -23.16 -19.15
CA ILE B 350 49.29 -24.01 -19.99
C ILE B 350 48.11 -24.54 -19.18
N ILE B 351 46.91 -24.37 -19.72
CA ILE B 351 45.70 -24.90 -19.09
C ILE B 351 45.04 -25.99 -19.93
N LEU B 352 45.29 -26.02 -21.24
CA LEU B 352 44.75 -27.06 -22.12
C LEU B 352 45.79 -27.34 -23.19
N TYR B 353 46.35 -28.53 -23.19
CA TYR B 353 47.34 -28.91 -24.19
C TYR B 353 46.66 -29.23 -25.51
N LYS B 354 47.39 -29.02 -26.59
CA LYS B 354 46.97 -29.57 -27.88
C LYS B 354 47.23 -31.07 -27.86
N LYS B 355 46.22 -31.85 -28.26
CA LYS B 355 46.25 -33.30 -28.05
C LYS B 355 47.59 -33.92 -28.45
N ALA B 356 48.12 -33.53 -29.62
CA ALA B 356 49.35 -34.13 -30.11
C ALA B 356 50.55 -33.79 -29.25
N ASN B 357 50.52 -32.69 -28.49
CA ASN B 357 51.65 -32.33 -27.65
C ASN B 357 51.70 -33.10 -26.36
N LEU B 358 50.58 -33.70 -25.94
CA LEU B 358 50.49 -34.43 -24.68
C LEU B 358 50.33 -35.94 -24.87
N LEU B 359 49.57 -36.36 -25.88
CA LEU B 359 49.33 -37.77 -26.13
C LEU B 359 50.00 -38.19 -27.44
N ASP B 360 50.40 -39.45 -27.52
CA ASP B 360 50.96 -39.99 -28.74
C ASP B 360 49.86 -40.71 -29.53
N GLU B 361 50.25 -41.56 -30.48
CA GLU B 361 49.26 -42.24 -31.30
C GLU B 361 48.50 -43.32 -30.55
N ASN B 362 48.92 -43.66 -29.33
CA ASN B 362 48.27 -44.69 -28.53
C ASN B 362 47.59 -44.11 -27.28
N ASN B 363 47.23 -42.83 -27.31
CA ASN B 363 46.61 -42.15 -26.17
C ASN B 363 47.46 -42.24 -24.92
N ASN B 364 48.78 -42.30 -25.09
CA ASN B 364 49.72 -42.36 -23.98
C ASN B 364 50.33 -40.98 -23.73
N VAL B 365 50.47 -40.62 -22.46
CA VAL B 365 51.05 -39.33 -22.12
C VAL B 365 52.56 -39.38 -22.34
N ILE B 366 53.08 -38.38 -23.06
CA ILE B 366 54.51 -38.24 -23.29
C ILE B 366 55.02 -37.08 -22.46
N ILE B 367 56.07 -37.33 -21.68
CA ILE B 367 56.75 -36.31 -20.89
C ILE B 367 58.09 -36.04 -21.58
N PRO B 368 58.33 -34.82 -22.07
CA PRO B 368 59.51 -34.58 -22.90
C PRO B 368 60.81 -34.69 -22.09
N LYS B 369 61.91 -34.85 -22.82
CA LYS B 369 63.22 -34.95 -22.20
C LYS B 369 63.54 -33.69 -21.41
N GLY B 370 64.32 -33.85 -20.35
CA GLY B 370 64.60 -32.78 -19.43
C GLY B 370 63.58 -32.60 -18.34
N GLU B 371 62.49 -33.36 -18.38
CA GLU B 371 61.44 -33.33 -17.36
C GLU B 371 61.19 -34.70 -16.74
N PHE B 372 61.89 -35.74 -17.21
CA PHE B 372 61.88 -37.06 -16.62
C PHE B 372 63.31 -37.50 -16.40
N SER B 373 63.52 -38.37 -15.41
CA SER B 373 64.85 -38.88 -15.09
C SER B 373 64.76 -40.33 -14.63
N ILE B 374 65.73 -41.14 -15.06
CA ILE B 374 65.89 -42.51 -14.60
C ILE B 374 67.10 -42.55 -13.68
N ASP B 375 66.86 -42.84 -12.40
CA ASP B 375 67.92 -42.86 -11.41
C ASP B 375 68.81 -44.08 -11.60
N SER B 376 69.99 -44.03 -10.99
CA SER B 376 70.85 -45.21 -10.96
C SER B 376 70.20 -46.33 -10.17
N ASP B 377 69.28 -45.98 -9.27
CA ASP B 377 68.49 -46.95 -8.52
C ASP B 377 67.17 -47.26 -9.22
N ASN B 378 67.10 -47.02 -10.52
CA ASN B 378 65.92 -47.29 -11.33
C ASN B 378 64.65 -46.72 -10.71
N SER B 379 64.76 -45.53 -10.14
CA SER B 379 63.62 -44.77 -9.69
C SER B 379 63.40 -43.59 -10.63
N LEU B 380 62.14 -43.18 -10.77
CA LEU B 380 61.76 -42.20 -11.78
C LEU B 380 61.57 -40.83 -11.14
N LYS B 381 62.15 -39.80 -11.75
CA LYS B 381 62.02 -38.43 -11.29
C LYS B 381 61.33 -37.62 -12.38
N ILE B 382 60.20 -37.00 -12.04
CA ILE B 382 59.40 -36.23 -12.99
C ILE B 382 59.32 -34.80 -12.47
N ASN B 383 59.62 -33.83 -13.35
CA ASN B 383 59.57 -32.41 -13.01
C ASN B 383 59.00 -31.66 -14.23
N SER B 384 57.68 -31.77 -14.41
CA SER B 384 57.00 -31.09 -15.51
C SER B 384 55.68 -30.50 -15.02
N GLN B 385 55.15 -29.58 -15.81
CA GLN B 385 53.83 -29.03 -15.56
C GLN B 385 52.71 -29.98 -15.97
N ARG B 386 53.04 -31.09 -16.64
CA ARG B 386 52.02 -32.00 -17.13
C ARG B 386 51.47 -32.92 -16.03
N VAL B 387 52.27 -33.24 -15.03
CA VAL B 387 51.85 -34.15 -13.97
C VAL B 387 51.97 -33.44 -12.63
N SER B 388 50.96 -33.63 -11.78
CA SER B 388 50.97 -33.13 -10.41
C SER B 388 50.63 -34.28 -9.48
N ILE B 389 51.09 -34.15 -8.23
CA ILE B 389 50.84 -35.16 -7.20
C ILE B 389 50.26 -34.48 -5.97
N TYR B 390 49.21 -35.08 -5.41
CA TYR B 390 48.59 -34.60 -4.18
C TYR B 390 47.88 -35.76 -3.51
N GLN B 391 48.13 -35.96 -2.22
CA GLN B 391 47.54 -37.05 -1.45
C GLN B 391 47.89 -38.40 -2.07
N ASN B 392 49.11 -38.50 -2.62
CA ASN B 392 49.61 -39.71 -3.25
C ASN B 392 48.79 -40.10 -4.48
N VAL B 393 48.17 -39.12 -5.13
CA VAL B 393 47.36 -39.35 -6.33
C VAL B 393 47.94 -38.51 -7.47
N LEU B 394 48.37 -39.17 -8.53
CA LEU B 394 48.88 -38.48 -9.72
C LEU B 394 47.69 -38.01 -10.56
N SER B 395 47.61 -36.70 -10.78
CA SER B 395 46.59 -36.11 -11.64
C SER B 395 47.25 -35.55 -12.89
N MET B 396 46.60 -35.73 -14.03
CA MET B 396 47.15 -35.33 -15.32
C MET B 396 46.51 -34.06 -15.85
N ALA B 397 47.20 -33.42 -16.79
CA ALA B 397 46.69 -32.23 -17.45
C ALA B 397 45.58 -32.61 -18.44
N SER B 398 44.86 -31.58 -18.88
CA SER B 398 43.76 -31.75 -19.82
C SER B 398 44.15 -31.20 -21.18
N PHE B 399 43.55 -31.74 -22.24
CA PHE B 399 43.88 -31.36 -23.59
C PHE B 399 42.62 -30.98 -24.37
N TYR B 400 42.82 -30.39 -25.54
CA TYR B 400 41.72 -29.97 -26.41
C TYR B 400 41.87 -30.57 -27.80
N THR B 401 40.73 -30.78 -28.46
CA THR B 401 40.65 -31.10 -29.88
C THR B 401 39.69 -30.13 -30.55
N VAL B 402 39.54 -30.26 -31.86
CA VAL B 402 38.59 -29.45 -32.63
C VAL B 402 37.77 -30.40 -33.50
N ASN B 403 36.45 -30.42 -33.28
CA ASN B 403 35.58 -31.41 -33.89
C ASN B 403 35.21 -31.01 -35.31
N ASP B 404 34.30 -31.78 -35.93
CA ASP B 404 33.95 -31.58 -37.33
C ASP B 404 33.31 -30.23 -37.61
N GLN B 405 32.88 -29.49 -36.59
CA GLN B 405 32.20 -28.22 -36.77
C GLN B 405 33.06 -27.05 -36.31
N ASN B 406 34.37 -27.25 -36.21
CA ASN B 406 35.32 -26.22 -35.81
C ASN B 406 35.09 -25.74 -34.39
N ASN B 407 34.37 -26.51 -33.59
CA ASN B 407 34.14 -26.19 -32.19
C ASN B 407 35.23 -26.77 -31.32
N LEU B 408 35.62 -26.02 -30.29
CA LEU B 408 36.58 -26.49 -29.31
C LEU B 408 35.99 -27.64 -28.49
N VAL B 409 36.80 -28.66 -28.24
CA VAL B 409 36.40 -29.80 -27.43
C VAL B 409 37.48 -30.05 -26.38
N THR B 410 37.11 -29.93 -25.11
CA THR B 410 38.05 -30.10 -24.01
C THR B 410 37.89 -31.50 -23.42
N HIS B 411 39.01 -32.21 -23.28
CA HIS B 411 39.02 -33.57 -22.77
C HIS B 411 39.83 -33.63 -21.47
N GLY B 412 39.46 -34.58 -20.62
CA GLY B 412 40.18 -34.83 -19.39
C GLY B 412 40.91 -36.15 -19.47
N ILE B 413 42.02 -36.25 -18.73
CA ILE B 413 42.75 -37.49 -18.55
C ILE B 413 42.57 -37.91 -17.10
N GLY B 414 42.43 -39.21 -16.87
CA GLY B 414 42.09 -39.70 -15.55
C GLY B 414 43.20 -39.50 -14.54
N ASN B 415 42.97 -40.05 -13.35
CA ASN B 415 43.90 -39.97 -12.24
C ASN B 415 44.37 -41.37 -11.86
N PHE B 416 45.48 -41.43 -11.14
CA PHE B 416 46.04 -42.69 -10.68
C PHE B 416 46.39 -42.63 -9.19
N GLN B 417 45.93 -43.61 -8.44
CA GLN B 417 46.20 -43.70 -7.00
C GLN B 417 47.55 -44.37 -6.79
N LEU B 418 48.56 -43.57 -6.46
CA LEU B 418 49.88 -44.11 -6.19
C LEU B 418 49.87 -44.87 -4.86
N PRO B 419 50.58 -46.00 -4.77
CA PRO B 419 50.57 -46.79 -3.53
C PRO B 419 51.19 -46.03 -2.36
N GLU B 420 51.11 -46.64 -1.18
CA GLU B 420 51.51 -45.95 0.05
C GLU B 420 53.00 -45.65 0.08
N GLN B 421 53.82 -46.56 -0.45
CA GLN B 421 55.27 -46.36 -0.47
C GLN B 421 55.89 -46.85 -1.78
N THR B 424 58.96 -40.05 -3.42
CA THR B 424 59.45 -38.92 -2.63
C THR B 424 59.12 -37.61 -3.33
N VAL B 425 58.44 -36.72 -2.61
CA VAL B 425 57.89 -35.49 -3.17
C VAL B 425 58.70 -34.29 -2.69
N GLU B 426 58.94 -33.36 -3.60
CA GLU B 426 59.49 -32.05 -3.26
C GLU B 426 58.42 -30.97 -3.39
N ASN B 427 57.82 -30.85 -4.58
CA ASN B 427 56.64 -30.04 -4.83
C ASN B 427 55.64 -30.90 -5.60
N GLU B 428 54.46 -30.36 -5.89
CA GLU B 428 53.46 -31.15 -6.59
C GLU B 428 53.91 -31.52 -8.00
N LYS B 429 54.91 -30.81 -8.54
CA LYS B 429 55.40 -31.05 -9.89
C LYS B 429 56.78 -31.69 -9.91
N SER B 430 57.34 -32.02 -8.75
CA SER B 430 58.63 -32.71 -8.66
C SER B 430 58.49 -33.84 -7.65
N PHE B 431 58.64 -35.08 -8.12
CA PHE B 431 58.43 -36.26 -7.28
C PHE B 431 59.24 -37.42 -7.84
N LYS B 432 59.43 -38.44 -7.00
CA LYS B 432 60.20 -39.61 -7.37
C LYS B 432 59.42 -40.88 -7.04
N ILE B 433 59.36 -41.80 -8.01
CA ILE B 433 58.74 -43.11 -7.85
C ILE B 433 59.83 -44.17 -7.86
N SER B 434 59.81 -45.04 -6.86
CA SER B 434 60.83 -46.07 -6.71
C SER B 434 60.41 -47.35 -7.41
N ALA B 435 61.42 -48.13 -7.84
CA ALA B 435 61.16 -49.32 -8.64
C ALA B 435 60.36 -50.38 -7.90
N SER B 436 60.35 -50.34 -6.56
CA SER B 436 59.56 -51.29 -5.78
C SER B 436 58.05 -51.14 -6.05
N VAL B 437 57.64 -50.04 -6.68
CA VAL B 437 56.24 -49.85 -7.02
C VAL B 437 55.90 -50.55 -8.34
N PHE B 438 56.85 -50.60 -9.27
CA PHE B 438 56.64 -51.21 -10.58
C PHE B 438 56.48 -52.72 -10.53
N GLU B 439 56.66 -53.35 -9.38
CA GLU B 439 56.60 -54.81 -9.32
C GLU B 439 55.21 -55.32 -9.69
N ASN B 440 54.19 -54.70 -9.14
CA ASN B 440 52.81 -55.09 -9.42
C ASN B 440 52.24 -54.36 -10.64
N TYR B 441 53.05 -53.53 -11.30
CA TYR B 441 52.62 -52.79 -12.49
C TYR B 441 53.52 -53.10 -13.68
N LYS B 442 54.78 -52.65 -13.68
CA LYS B 442 55.78 -53.01 -14.69
C LYS B 442 55.52 -52.38 -16.05
N ASP B 443 54.26 -52.36 -16.49
CA ASP B 443 53.87 -51.79 -17.76
C ASP B 443 53.57 -50.30 -17.65
N PHE B 444 54.24 -49.59 -16.74
CA PHE B 444 53.83 -48.24 -16.39
C PHE B 444 54.56 -47.16 -17.18
N TYR B 445 55.77 -47.44 -17.66
CA TYR B 445 56.55 -46.43 -18.37
C TYR B 445 57.41 -47.09 -19.43
N SER B 446 57.92 -46.25 -20.34
CA SER B 446 58.70 -46.72 -21.49
C SER B 446 59.30 -45.52 -22.21
N VAL B 447 60.61 -45.53 -22.43
CA VAL B 447 61.29 -44.46 -23.16
C VAL B 447 61.39 -44.85 -24.63
N ASN B 448 61.09 -43.91 -25.50
CA ASN B 448 61.01 -44.15 -26.94
C ASN B 448 62.30 -43.71 -27.62
N GLU B 449 62.30 -43.74 -28.96
CA GLU B 449 63.47 -43.41 -29.76
C GLU B 449 63.84 -41.94 -29.70
N ASN B 450 63.01 -41.10 -29.08
CA ASN B 450 63.27 -39.66 -29.00
C ASN B 450 63.60 -39.21 -27.59
N GLY B 451 63.91 -40.15 -26.69
CA GLY B 451 64.23 -39.79 -25.32
C GLY B 451 63.07 -39.16 -24.58
N ASN B 452 61.85 -39.61 -24.85
CA ASN B 452 60.66 -39.11 -24.18
C ASN B 452 60.02 -40.23 -23.37
N LEU B 453 59.49 -39.88 -22.21
CA LEU B 453 58.82 -40.84 -21.35
C LEU B 453 57.41 -41.09 -21.84
N VAL B 454 57.01 -42.35 -21.89
CA VAL B 454 55.68 -42.75 -22.38
C VAL B 454 55.00 -43.52 -21.26
N LEU B 455 53.96 -42.93 -20.69
CA LEU B 455 53.17 -43.56 -19.65
C LEU B 455 51.99 -44.30 -20.27
N ASN B 456 51.64 -45.43 -19.67
CA ASN B 456 50.59 -46.28 -20.24
C ASN B 456 49.22 -45.67 -20.00
N SER B 457 48.38 -45.71 -21.03
CA SER B 457 47.01 -45.20 -20.93
C SER B 457 46.13 -46.08 -20.05
N LYS B 458 46.58 -47.28 -19.72
CA LYS B 458 45.80 -48.19 -18.87
C LYS B 458 45.68 -47.67 -17.44
N TYR B 459 46.49 -46.69 -17.05
CA TYR B 459 46.45 -46.12 -15.71
C TYR B 459 45.92 -44.70 -15.68
N PHE B 460 45.79 -44.05 -16.84
CA PHE B 460 45.21 -42.71 -16.95
C PHE B 460 44.13 -42.77 -18.03
N GLN B 461 42.87 -42.91 -17.62
CA GLN B 461 41.80 -43.05 -18.58
C GLN B 461 41.60 -41.75 -19.35
N VAL B 462 41.62 -41.84 -20.67
CA VAL B 462 41.49 -40.67 -21.53
C VAL B 462 40.03 -40.49 -21.89
N ASP B 463 39.44 -39.37 -21.50
CA ASP B 463 38.08 -39.02 -21.89
C ASP B 463 38.08 -38.73 -23.37
N GLU B 464 37.71 -39.72 -24.18
CA GLU B 464 37.86 -39.58 -25.62
C GLU B 464 36.75 -38.73 -26.23
N LYS B 465 35.52 -38.86 -25.74
CA LYS B 465 34.44 -38.05 -26.29
C LYS B 465 34.63 -36.58 -25.94
N GLY B 466 34.95 -36.29 -24.67
CA GLY B 466 35.20 -34.93 -24.26
C GLY B 466 33.93 -34.12 -24.11
N THR B 467 34.13 -32.81 -23.99
CA THR B 467 33.03 -31.86 -23.80
C THR B 467 33.17 -30.74 -24.81
N VAL B 468 32.12 -30.51 -25.59
CA VAL B 468 32.16 -29.49 -26.64
C VAL B 468 32.04 -28.11 -26.01
N GLN B 469 32.62 -27.12 -26.66
CA GLN B 469 32.69 -25.76 -26.18
C GLN B 469 32.33 -24.78 -27.29
N PRO B 470 31.73 -23.63 -26.95
CA PRO B 470 31.31 -23.24 -25.60
C PRO B 470 30.06 -23.98 -25.19
N GLN B 471 29.72 -23.94 -23.91
CA GLN B 471 28.54 -24.61 -23.40
C GLN B 471 27.43 -23.61 -23.14
N SER B 472 26.21 -24.13 -22.96
CA SER B 472 25.05 -23.29 -22.75
C SER B 472 24.05 -24.03 -21.89
N SER B 473 23.17 -23.27 -21.24
CA SER B 473 22.11 -23.86 -20.44
C SER B 473 20.88 -22.96 -20.50
N SER B 474 19.70 -23.59 -20.47
CA SER B 474 18.44 -22.88 -20.45
C SER B 474 17.52 -23.47 -19.40
N VAL B 475 16.67 -22.62 -18.83
CA VAL B 475 15.71 -23.02 -17.82
C VAL B 475 14.35 -22.45 -18.19
N VAL B 476 13.37 -23.31 -18.44
CA VAL B 476 12.02 -22.90 -18.80
C VAL B 476 11.13 -23.12 -17.59
N LEU B 477 10.35 -22.11 -17.23
CA LEU B 477 9.66 -22.10 -15.95
C LEU B 477 8.31 -21.43 -16.11
N ASP B 478 7.26 -22.09 -15.60
CA ASP B 478 5.92 -21.50 -15.57
C ASP B 478 5.83 -20.66 -14.29
N HIS B 479 6.04 -19.34 -14.45
CA HIS B 479 6.16 -18.48 -13.27
C HIS B 479 4.88 -18.41 -12.46
N LYS B 480 3.72 -18.67 -13.06
CA LYS B 480 2.47 -18.60 -12.31
C LYS B 480 2.38 -19.70 -11.25
N THR B 481 2.96 -20.85 -11.52
CA THR B 481 2.92 -21.97 -10.59
C THR B 481 4.29 -22.40 -10.08
N GLY B 482 5.38 -21.88 -10.65
CA GLY B 482 6.69 -22.34 -10.30
C GLY B 482 7.06 -23.70 -10.85
N GLN B 483 6.18 -24.32 -11.63
CA GLN B 483 6.48 -25.62 -12.19
C GLN B 483 7.57 -25.51 -13.26
N LEU B 484 8.55 -26.39 -13.17
CA LEU B 484 9.67 -26.39 -14.09
C LEU B 484 9.29 -27.15 -15.35
N ILE B 485 9.33 -26.49 -16.50
CA ILE B 485 8.82 -27.06 -17.75
C ILE B 485 9.92 -27.78 -18.53
N ALA B 486 11.14 -27.24 -18.55
CA ALA B 486 12.24 -27.88 -19.24
C ALA B 486 13.56 -27.36 -18.69
N ILE B 487 14.57 -28.24 -18.71
CA ILE B 487 15.93 -27.90 -18.32
C ILE B 487 16.89 -28.42 -19.38
N ILE B 488 17.79 -27.56 -19.83
CA ILE B 488 18.93 -27.97 -20.64
C ILE B 488 20.17 -27.57 -19.87
N GLY B 489 21.01 -28.55 -19.53
CA GLY B 489 22.22 -28.29 -18.77
C GLY B 489 23.50 -28.31 -19.58
N GLY B 490 23.41 -28.37 -20.90
CA GLY B 490 24.57 -28.44 -21.76
C GLY B 490 24.18 -28.86 -23.15
N ARG B 491 25.16 -28.81 -24.06
CA ARG B 491 24.91 -29.15 -25.45
C ARG B 491 24.74 -30.66 -25.65
N GLU B 492 25.51 -31.46 -24.92
CA GLU B 492 25.40 -32.91 -25.01
C GLU B 492 24.02 -33.36 -24.55
N THR B 493 23.46 -34.37 -25.25
CA THR B 493 22.14 -34.89 -24.90
C THR B 493 22.13 -36.41 -24.75
N THR B 494 23.30 -37.02 -24.56
CA THR B 494 23.42 -38.45 -24.38
C THR B 494 24.38 -38.74 -23.24
N GLY B 495 24.20 -39.89 -22.60
CA GLY B 495 25.03 -40.26 -21.47
C GLY B 495 24.52 -39.62 -20.20
N HIS B 496 25.43 -39.13 -19.36
CA HIS B 496 25.08 -38.40 -18.15
C HIS B 496 25.86 -37.08 -18.15
N PRO B 497 25.44 -36.12 -18.96
CA PRO B 497 26.17 -34.86 -19.04
C PRO B 497 25.98 -34.00 -17.80
N LEU B 498 26.95 -33.10 -17.57
CA LEU B 498 26.90 -32.20 -16.44
C LEU B 498 25.76 -31.21 -16.60
N ASN B 499 24.85 -31.19 -15.63
CA ASN B 499 23.68 -30.30 -15.67
C ASN B 499 24.07 -28.96 -15.08
N ARG B 500 24.63 -28.09 -15.93
CA ARG B 500 25.08 -26.77 -15.48
C ARG B 500 23.94 -25.89 -15.01
N ALA B 501 22.68 -26.22 -15.37
CA ALA B 501 21.56 -25.35 -15.07
C ALA B 501 21.38 -25.15 -13.58
N TYR B 502 21.66 -26.18 -12.78
CA TYR B 502 21.51 -26.07 -11.33
C TYR B 502 22.75 -26.47 -10.55
N ARG B 503 23.83 -26.89 -11.22
CA ARG B 503 25.02 -27.37 -10.54
C ARG B 503 26.25 -26.49 -10.70
N VAL B 504 26.31 -25.66 -11.73
CA VAL B 504 27.50 -24.85 -12.01
C VAL B 504 27.09 -23.38 -12.01
N PRO B 505 27.30 -22.68 -10.91
CA PRO B 505 27.06 -21.23 -10.90
C PRO B 505 28.05 -20.51 -11.81
N ARG B 506 27.58 -19.40 -12.38
CA ARG B 506 28.40 -18.54 -13.22
C ARG B 506 28.11 -17.10 -12.85
N GLN B 507 28.94 -16.19 -13.34
CA GLN B 507 28.75 -14.78 -13.02
C GLN B 507 27.48 -14.28 -13.71
N PRO B 508 26.53 -13.70 -12.97
CA PRO B 508 25.29 -13.24 -13.61
C PRO B 508 25.43 -11.91 -14.34
N GLY B 509 26.41 -11.09 -13.98
CA GLY B 509 26.60 -9.82 -14.66
C GLY B 509 25.41 -8.90 -14.47
N SER B 510 25.08 -8.16 -15.52
CA SER B 510 24.03 -7.15 -15.43
C SER B 510 22.64 -7.74 -15.21
N THR B 511 22.46 -9.05 -15.40
CA THR B 511 21.17 -9.64 -15.05
C THR B 511 20.88 -9.53 -13.56
N MET B 512 21.88 -9.19 -12.74
CA MET B 512 21.69 -8.94 -11.32
C MET B 512 21.06 -7.58 -11.05
N LYS B 513 21.23 -6.62 -11.98
CA LYS B 513 20.73 -5.27 -11.77
C LYS B 513 19.23 -5.21 -11.46
N PRO B 514 18.34 -5.86 -12.22
CA PRO B 514 16.91 -5.71 -11.90
C PRO B 514 16.55 -6.17 -10.50
N LEU B 515 17.00 -7.36 -10.10
CA LEU B 515 16.55 -7.93 -8.84
C LEU B 515 17.48 -7.63 -7.68
N GLY B 516 18.67 -7.11 -7.92
CA GLY B 516 19.57 -6.77 -6.83
C GLY B 516 19.58 -5.29 -6.50
N VAL B 517 19.12 -4.46 -7.44
CA VAL B 517 19.24 -3.01 -7.31
C VAL B 517 17.90 -2.32 -7.50
N TYR B 518 17.33 -2.43 -8.70
CA TYR B 518 16.25 -1.53 -9.08
C TYR B 518 14.89 -1.96 -8.50
N ILE B 519 14.61 -3.26 -8.43
CA ILE B 519 13.42 -3.71 -7.71
C ILE B 519 13.44 -3.25 -6.27
N PRO B 520 14.54 -3.35 -5.51
CA PRO B 520 14.58 -2.71 -4.20
C PRO B 520 14.41 -1.21 -4.26
N ALA B 521 14.93 -0.56 -5.30
CA ALA B 521 14.80 0.89 -5.41
C ALA B 521 13.33 1.30 -5.55
N LEU B 522 12.56 0.57 -6.37
CA LEU B 522 11.15 0.89 -6.58
C LEU B 522 10.32 0.74 -5.30
N ASP B 523 10.80 -0.06 -4.34
CA ASP B 523 10.14 -0.19 -3.06
C ASP B 523 10.75 0.71 -2.01
N ASN B 524 11.68 1.59 -2.40
CA ASN B 524 12.40 2.44 -1.47
C ASN B 524 12.59 3.83 -2.04
N GLY B 525 11.49 4.44 -2.49
CA GLY B 525 11.50 5.85 -2.83
C GLY B 525 11.90 6.20 -4.24
N TYR B 526 12.10 5.22 -5.11
CA TYR B 526 12.41 5.47 -6.51
C TYR B 526 11.18 5.21 -7.38
N THR B 527 11.12 5.92 -8.50
CA THR B 527 10.13 5.68 -9.53
C THR B 527 10.83 5.40 -10.84
N ALA B 528 10.06 4.92 -11.82
CA ALA B 528 10.62 4.68 -13.14
C ALA B 528 11.18 5.95 -13.77
N ALA B 529 10.73 7.11 -13.32
CA ALA B 529 11.20 8.39 -13.83
C ALA B 529 12.27 9.03 -12.96
N THR B 530 12.70 8.36 -11.89
CA THR B 530 13.70 8.93 -11.00
C THR B 530 15.01 9.15 -11.75
N ALA B 531 15.53 10.37 -11.67
CA ALA B 531 16.73 10.74 -12.41
C ALA B 531 17.98 10.32 -11.64
N ILE B 532 18.91 9.68 -12.35
CA ILE B 532 20.20 9.29 -11.82
C ILE B 532 21.26 9.82 -12.77
N GLU B 533 22.35 10.38 -12.20
CA GLU B 533 23.37 11.03 -13.01
C GLU B 533 24.47 10.02 -13.33
N ASP B 534 24.57 9.65 -14.61
CA ASP B 534 25.66 8.82 -15.11
C ASP B 534 26.87 9.72 -15.32
N ALA B 535 27.67 9.85 -14.26
CA ALA B 535 28.84 10.72 -14.23
C ALA B 535 30.01 9.93 -13.67
N PRO B 536 31.26 10.42 -13.88
CA PRO B 536 32.42 9.70 -13.34
C PRO B 536 32.28 9.35 -11.87
N HIS B 537 32.31 8.05 -11.59
CA HIS B 537 32.15 7.51 -10.25
C HIS B 537 33.47 6.89 -9.81
N TYR B 538 33.74 6.97 -8.52
CA TYR B 538 35.02 6.55 -7.97
C TYR B 538 34.81 5.60 -6.78
N ASN B 539 35.70 4.62 -6.67
CA ASN B 539 35.65 3.64 -5.59
C ASN B 539 36.24 4.25 -4.31
N ASP B 540 36.31 3.43 -3.26
CA ASP B 540 36.88 3.89 -1.99
C ASP B 540 38.36 4.22 -2.08
N LYS B 541 39.05 3.84 -3.16
CA LYS B 541 40.48 4.07 -3.31
C LYS B 541 40.79 5.12 -4.38
N LYS B 542 39.83 5.99 -4.71
CA LYS B 542 40.02 7.08 -5.66
C LYS B 542 40.46 6.55 -7.03
N GLU B 543 39.69 5.59 -7.55
CA GLU B 543 39.93 5.01 -8.86
C GLU B 543 38.63 5.06 -9.66
N LEU B 544 38.76 5.27 -10.96
CA LEU B 544 37.60 5.41 -11.83
C LEU B 544 36.85 4.10 -11.96
N TRP B 545 36.14 3.69 -10.91
CA TRP B 545 35.28 2.52 -10.90
C TRP B 545 33.85 2.90 -10.52
N PRO B 546 32.84 2.32 -11.19
CA PRO B 546 32.98 1.39 -12.31
C PRO B 546 32.99 2.12 -13.64
N LYS B 547 33.22 1.38 -14.72
CA LYS B 547 33.12 1.90 -16.07
C LYS B 547 31.94 1.25 -16.77
N ASN B 548 31.14 2.04 -17.46
CA ASN B 548 30.01 1.50 -18.20
C ASN B 548 30.51 0.77 -19.44
N TRP B 549 29.63 -0.05 -20.03
CA TRP B 549 30.03 -0.81 -21.19
C TRP B 549 30.28 0.06 -22.42
N TYR B 550 29.82 1.31 -22.40
CA TYR B 550 29.88 2.16 -23.58
C TYR B 550 31.00 3.21 -23.50
N ASN B 551 31.99 2.99 -22.63
CA ASN B 551 33.15 3.86 -22.47
C ASN B 551 32.80 5.34 -22.58
N GLY B 552 32.19 5.87 -21.53
CA GLY B 552 31.77 7.26 -21.51
C GLY B 552 30.69 7.43 -20.46
N TYR B 553 30.01 8.57 -20.54
CA TYR B 553 28.96 8.86 -19.58
C TYR B 553 27.79 9.50 -20.30
N ARG B 554 26.58 9.11 -19.91
CA ARG B 554 25.36 9.57 -20.54
C ARG B 554 24.65 10.66 -19.73
N GLY B 555 25.17 11.01 -18.57
CA GLY B 555 24.59 12.08 -17.79
C GLY B 555 23.33 11.68 -17.05
N LEU B 556 22.35 12.58 -17.04
CA LEU B 556 21.14 12.41 -16.24
C LEU B 556 20.18 11.47 -16.97
N GLN B 557 19.91 10.31 -16.36
CA GLN B 557 19.06 9.29 -16.96
C GLN B 557 18.06 8.79 -15.93
N THR B 558 16.84 8.50 -16.39
CA THR B 558 15.82 7.96 -15.51
C THR B 558 16.16 6.53 -15.09
N LEU B 559 15.48 6.06 -14.04
CA LEU B 559 15.69 4.69 -13.59
C LEU B 559 15.35 3.71 -14.70
N ARG B 560 14.31 4.00 -15.48
CA ARG B 560 13.97 3.17 -16.64
C ARG B 560 15.15 3.08 -17.61
N GLU B 561 15.67 4.23 -18.04
CA GLU B 561 16.77 4.21 -19.00
C GLU B 561 18.06 3.68 -18.39
N SER B 562 18.30 3.95 -17.11
CA SER B 562 19.51 3.44 -16.46
C SER B 562 19.55 1.91 -16.48
N LEU B 563 18.39 1.28 -16.38
CA LEU B 563 18.32 -0.17 -16.41
C LEU B 563 18.31 -0.71 -17.84
N VAL B 564 17.56 -0.06 -18.74
CA VAL B 564 17.51 -0.52 -20.13
C VAL B 564 18.90 -0.41 -20.76
N GLN B 565 19.54 0.74 -20.62
CA GLN B 565 20.89 0.93 -21.14
C GLN B 565 21.95 0.20 -20.35
N SER B 566 21.58 -0.47 -19.26
CA SER B 566 22.51 -1.22 -18.43
C SER B 566 23.69 -0.35 -17.99
N ILE B 567 23.35 0.82 -17.43
CA ILE B 567 24.36 1.72 -16.93
C ILE B 567 24.95 1.15 -15.64
N ASN B 568 26.28 1.00 -15.62
CA ASN B 568 26.95 0.46 -14.43
C ASN B 568 27.06 1.51 -13.33
N VAL B 569 27.38 2.76 -13.70
CA VAL B 569 27.51 3.82 -12.71
C VAL B 569 26.20 4.01 -11.96
N ASN B 570 25.08 4.09 -12.70
CA ASN B 570 23.79 4.33 -12.08
C ASN B 570 23.35 3.15 -11.21
N ALA B 571 23.73 1.92 -11.58
CA ALA B 571 23.39 0.76 -10.76
C ALA B 571 24.15 0.79 -9.44
N VAL B 572 25.44 1.10 -9.48
CA VAL B 572 26.23 1.15 -8.25
C VAL B 572 25.77 2.31 -7.36
N LYS B 573 25.53 3.48 -7.96
CA LYS B 573 25.06 4.62 -7.17
C LYS B 573 23.73 4.32 -6.48
N THR B 574 22.85 3.59 -7.16
CA THR B 574 21.55 3.27 -6.57
C THR B 574 21.70 2.25 -5.44
N LEU B 575 22.57 1.26 -5.63
CA LEU B 575 22.81 0.31 -4.55
C LEU B 575 23.61 0.92 -3.42
N GLU B 576 24.31 2.03 -3.69
CA GLU B 576 24.93 2.77 -2.59
C GLU B 576 23.89 3.49 -1.76
N ASP B 577 22.84 4.02 -2.42
CA ASP B 577 21.83 4.81 -1.72
C ASP B 577 20.98 3.92 -0.82
N ILE B 578 20.33 2.90 -1.38
CA ILE B 578 19.69 1.87 -0.58
C ILE B 578 20.81 1.06 0.06
N GLY B 579 20.47 0.17 0.98
CA GLY B 579 21.50 -0.57 1.66
C GLY B 579 21.94 -1.83 0.92
N ILE B 580 23.17 -2.26 1.20
CA ILE B 580 23.54 -3.63 0.89
C ILE B 580 22.68 -4.58 1.71
N GLU B 581 22.33 -4.19 2.95
CA GLU B 581 21.44 -5.01 3.76
C GLU B 581 20.03 -5.02 3.20
N LYS B 582 19.53 -3.85 2.77
CA LYS B 582 18.25 -3.81 2.07
C LYS B 582 18.29 -4.66 0.80
N SER B 583 19.47 -4.77 0.17
CA SER B 583 19.61 -5.63 -0.99
C SER B 583 19.65 -7.10 -0.60
N LYS B 584 20.30 -7.42 0.53
CA LYS B 584 20.32 -8.79 1.00
C LYS B 584 18.92 -9.31 1.29
N GLU B 585 18.02 -8.44 1.76
CA GLU B 585 16.63 -8.84 1.96
C GLU B 585 16.01 -9.35 0.66
N TYR B 586 16.30 -8.69 -0.46
CA TYR B 586 15.75 -9.11 -1.74
C TYR B 586 16.46 -10.33 -2.30
N PHE B 587 17.78 -10.45 -2.08
CA PHE B 587 18.45 -11.70 -2.42
C PHE B 587 17.79 -12.87 -1.72
N LYS B 588 17.43 -12.70 -0.45
CA LYS B 588 16.72 -13.77 0.27
C LYS B 588 15.36 -14.03 -0.33
N LYS B 589 14.56 -12.98 -0.54
CA LYS B 589 13.20 -13.18 -1.03
C LYS B 589 13.16 -13.73 -2.45
N PHE B 590 14.12 -13.34 -3.29
CA PHE B 590 14.19 -13.85 -4.66
C PHE B 590 14.70 -15.28 -4.72
N GLY B 591 15.17 -15.84 -3.61
CA GLY B 591 15.69 -17.20 -3.59
C GLY B 591 17.17 -17.32 -3.90
N LEU B 592 17.86 -16.22 -4.22
CA LEU B 592 19.30 -16.30 -4.47
C LEU B 592 20.07 -16.63 -3.21
N ILE B 593 19.61 -16.16 -2.05
CA ILE B 593 20.16 -16.51 -0.76
C ILE B 593 19.17 -17.41 -0.04
N ASN B 594 19.66 -18.55 0.44
CA ASN B 594 18.81 -19.46 1.19
C ASN B 594 18.68 -18.93 2.61
N GLU B 595 17.48 -18.47 2.98
CA GLU B 595 17.27 -17.86 4.28
C GLU B 595 17.58 -18.83 5.40
N ASP B 596 17.33 -20.11 5.18
CA ASP B 596 17.50 -21.12 6.23
C ASP B 596 18.95 -21.60 6.30
N ASN B 597 19.37 -22.41 5.33
CA ASN B 597 20.69 -23.03 5.40
C ASN B 597 21.80 -22.01 5.17
N GLU B 598 21.66 -21.18 4.13
CA GLU B 598 22.64 -20.14 3.78
C GLU B 598 24.01 -20.73 3.43
N LEU B 599 24.17 -22.04 3.60
CA LEU B 599 25.27 -22.78 3.00
C LEU B 599 24.81 -23.63 1.83
N ASP B 600 23.51 -23.78 1.63
CA ASP B 600 22.96 -24.45 0.46
C ASP B 600 22.76 -23.49 -0.71
N ASP B 601 23.32 -22.28 -0.64
CA ASP B 601 23.27 -21.31 -1.72
C ASP B 601 24.68 -21.07 -2.25
N THR B 602 24.76 -20.26 -3.31
CA THR B 602 26.03 -19.87 -3.89
C THR B 602 26.41 -18.43 -3.55
N TYR B 603 25.83 -17.88 -2.48
CA TYR B 603 26.14 -16.54 -2.00
C TYR B 603 27.09 -16.65 -0.81
N VAL B 604 28.18 -15.91 -0.87
CA VAL B 604 29.20 -15.93 0.17
C VAL B 604 29.02 -14.70 1.03
N SER B 605 28.51 -14.88 2.26
CA SER B 605 28.24 -13.78 3.16
C SER B 605 29.48 -13.43 3.96
N ARG B 606 29.39 -12.36 4.76
CA ARG B 606 30.50 -11.99 5.63
C ARG B 606 30.80 -13.10 6.65
N SER B 607 29.79 -13.85 7.05
CA SER B 607 30.00 -14.97 7.95
C SER B 607 30.77 -16.11 7.26
N GLU B 608 30.42 -16.40 6.01
CA GLU B 608 31.08 -17.49 5.30
C GLU B 608 32.53 -17.15 4.94
N SER B 609 32.83 -15.87 4.70
CA SER B 609 34.19 -15.44 4.40
C SER B 609 34.30 -13.94 4.66
N VAL B 610 35.46 -13.51 5.13
CA VAL B 610 35.70 -12.09 5.39
C VAL B 610 36.60 -11.51 4.31
N ASP B 611 37.52 -12.32 3.80
CA ASP B 611 38.40 -11.87 2.71
C ASP B 611 37.64 -11.80 1.39
N HIS B 612 37.03 -12.91 0.98
CA HIS B 612 36.38 -13.01 -0.32
C HIS B 612 34.90 -13.30 -0.12
N ASN B 613 34.10 -12.24 0.05
CA ASN B 613 32.67 -12.35 0.27
C ASN B 613 31.91 -11.59 -0.81
N ASP B 614 30.60 -11.83 -0.85
CA ASP B 614 29.72 -11.23 -1.84
C ASP B 614 28.99 -9.99 -1.34
N GLU B 615 29.31 -9.51 -0.14
CA GLU B 615 28.68 -8.30 0.40
C GLU B 615 29.38 -7.06 -0.18
N ASN B 616 29.33 -6.96 -1.50
CA ASN B 616 30.09 -6.00 -2.27
C ASN B 616 29.14 -5.22 -3.18
N LEU B 617 29.62 -4.06 -3.66
CA LEU B 617 28.88 -3.36 -4.70
C LEU B 617 29.08 -4.01 -6.07
N SER B 618 30.27 -4.56 -6.32
CA SER B 618 30.52 -5.25 -7.58
C SER B 618 29.64 -6.50 -7.70
N SER B 619 29.52 -7.25 -6.61
CA SER B 619 28.75 -8.49 -6.65
C SER B 619 27.26 -8.21 -6.84
N MET B 620 26.67 -7.42 -5.94
CA MET B 620 25.22 -7.31 -5.84
C MET B 620 24.62 -6.24 -6.75
N ALA B 621 25.44 -5.42 -7.40
CA ALA B 621 24.94 -4.47 -8.38
C ALA B 621 25.37 -4.79 -9.80
N LEU B 622 26.62 -5.18 -10.00
CA LEU B 622 27.16 -5.40 -11.34
C LEU B 622 27.23 -6.87 -11.73
N GLY B 623 26.92 -7.78 -10.81
CA GLY B 623 26.95 -9.20 -11.13
C GLY B 623 28.32 -9.82 -11.14
N GLY B 624 29.34 -9.13 -10.62
CA GLY B 624 30.65 -9.71 -10.46
C GLY B 624 30.78 -10.37 -9.10
N MET B 625 30.23 -11.57 -8.98
CA MET B 625 30.09 -12.22 -7.68
C MET B 625 31.28 -13.14 -7.39
N THR B 626 31.37 -13.57 -6.13
CA THR B 626 32.45 -14.46 -5.73
C THR B 626 32.31 -15.83 -6.37
N ARG B 627 31.09 -16.38 -6.37
CA ARG B 627 30.82 -17.66 -7.00
C ARG B 627 29.77 -17.61 -8.09
N GLY B 628 28.90 -16.59 -8.09
CA GLY B 628 27.85 -16.51 -9.08
C GLY B 628 26.58 -17.23 -8.65
N MET B 629 25.63 -17.27 -9.58
CA MET B 629 24.37 -17.99 -9.36
C MET B 629 24.14 -18.95 -10.51
N THR B 630 23.37 -20.00 -10.24
CA THR B 630 23.03 -20.96 -11.29
C THR B 630 21.88 -20.43 -12.15
N ASN B 631 21.76 -21.00 -13.34
CA ASN B 631 20.69 -20.60 -14.25
C ASN B 631 19.32 -20.84 -13.63
N LEU B 632 19.17 -21.88 -12.81
CA LEU B 632 17.89 -22.13 -12.16
C LEU B 632 17.57 -21.03 -11.14
N LYS B 633 18.58 -20.59 -10.38
CA LYS B 633 18.33 -19.57 -9.37
C LYS B 633 18.01 -18.23 -10.00
N MET B 634 18.66 -17.90 -11.13
CA MET B 634 18.36 -16.64 -11.80
C MET B 634 16.98 -16.66 -12.44
N THR B 635 16.66 -17.75 -13.15
CA THR B 635 15.34 -17.85 -13.79
C THR B 635 14.24 -17.87 -12.75
N GLY B 636 14.43 -18.61 -11.65
CA GLY B 636 13.43 -18.63 -10.61
C GLY B 636 13.24 -17.28 -9.95
N ALA B 637 14.27 -16.44 -9.95
CA ALA B 637 14.15 -15.10 -9.39
C ALA B 637 13.42 -14.16 -10.34
N TYR B 638 13.76 -14.20 -11.63
CA TYR B 638 13.02 -13.43 -12.62
C TYR B 638 11.57 -13.88 -12.71
N ALA B 639 11.31 -15.17 -12.46
CA ALA B 639 9.93 -15.66 -12.46
C ALA B 639 9.08 -14.93 -11.45
N ALA B 640 9.67 -14.46 -10.35
CA ALA B 640 8.92 -13.68 -9.38
C ALA B 640 8.42 -12.38 -9.98
N ILE B 641 9.27 -11.68 -10.75
CA ILE B 641 8.84 -10.45 -11.42
C ILE B 641 7.68 -10.74 -12.36
N ALA B 642 7.76 -11.84 -13.12
CA ALA B 642 6.69 -12.19 -14.04
C ALA B 642 5.40 -12.55 -13.30
N ASN B 643 5.51 -13.15 -12.12
CA ASN B 643 4.35 -13.61 -11.35
C ASN B 643 3.87 -12.55 -10.35
N ASP B 644 3.69 -11.31 -10.83
CA ASP B 644 3.18 -10.22 -10.02
C ASP B 644 4.00 -10.01 -8.75
N GLY B 645 5.31 -10.20 -8.85
CA GLY B 645 6.18 -9.99 -7.72
C GLY B 645 6.19 -11.11 -6.70
N ARG B 646 5.54 -12.24 -6.99
CA ARG B 646 5.47 -13.35 -6.04
C ARG B 646 6.39 -14.47 -6.49
N TYR B 647 7.37 -14.79 -5.64
CA TYR B 647 8.30 -15.88 -5.91
C TYR B 647 7.67 -17.22 -5.59
N ASN B 648 7.93 -18.20 -6.45
CA ASN B 648 7.57 -19.60 -6.25
C ASN B 648 8.80 -20.45 -6.48
N GLU B 649 9.17 -21.23 -5.46
CA GLU B 649 10.31 -22.13 -5.58
C GLU B 649 10.13 -23.03 -6.81
N PRO B 650 11.08 -23.05 -7.73
CA PRO B 650 10.97 -23.95 -8.89
C PRO B 650 10.86 -25.40 -8.44
N ILE B 651 9.72 -26.03 -8.77
CA ILE B 651 9.49 -27.43 -8.49
C ILE B 651 9.51 -28.19 -9.81
N SER B 652 9.99 -29.44 -9.74
CA SER B 652 10.07 -30.31 -10.90
C SER B 652 9.05 -31.44 -10.86
N PHE B 653 8.24 -31.53 -9.80
CA PHE B 653 7.23 -32.57 -9.69
C PHE B 653 6.01 -32.00 -8.96
N THR B 654 4.86 -32.63 -9.19
CA THR B 654 3.61 -32.21 -8.55
C THR B 654 3.14 -33.19 -7.50
N LYS B 655 3.49 -34.47 -7.61
CA LYS B 655 3.17 -35.46 -6.58
C LYS B 655 4.09 -36.65 -6.75
N VAL B 656 4.34 -37.34 -5.63
CA VAL B 656 5.08 -38.59 -5.60
C VAL B 656 4.19 -39.64 -4.93
N VAL B 657 3.99 -40.77 -5.59
CA VAL B 657 3.10 -41.83 -5.11
C VAL B 657 3.94 -43.07 -4.83
N ASP B 658 3.73 -43.68 -3.66
CA ASP B 658 4.49 -44.83 -3.23
C ASP B 658 3.86 -46.12 -3.77
N SER B 659 4.39 -47.27 -3.34
CA SER B 659 3.91 -48.56 -3.83
C SER B 659 2.43 -48.75 -3.52
N THR B 660 2.04 -48.47 -2.27
CA THR B 660 0.65 -48.71 -1.85
C THR B 660 -0.33 -47.85 -2.65
N GLY B 661 0.04 -46.61 -2.95
CA GLY B 661 -0.82 -45.76 -3.75
C GLY B 661 -1.16 -44.44 -3.11
N LYS B 662 -0.51 -44.12 -1.99
CA LYS B 662 -0.76 -42.87 -1.30
C LYS B 662 0.24 -41.81 -1.75
N THR B 663 -0.22 -40.57 -1.80
CA THR B 663 0.65 -39.44 -2.10
C THR B 663 1.53 -39.17 -0.89
N ILE B 664 2.81 -39.54 -0.99
CA ILE B 664 3.73 -39.30 0.11
C ILE B 664 4.39 -37.92 0.05
N LEU B 665 4.31 -37.24 -1.09
CA LEU B 665 4.93 -35.93 -1.22
C LEU B 665 4.15 -35.13 -2.26
N GLU B 666 3.73 -33.91 -1.89
CA GLU B 666 3.02 -33.06 -2.84
C GLU B 666 3.32 -31.59 -2.57
N PRO B 667 4.04 -30.91 -3.47
CA PRO B 667 4.46 -29.54 -3.19
C PRO B 667 3.32 -28.53 -3.28
N GLU B 668 3.41 -27.49 -2.46
CA GLU B 668 2.51 -26.34 -2.47
C GLU B 668 3.25 -25.09 -2.93
N GLN B 669 2.61 -24.31 -3.80
CA GLN B 669 3.27 -23.14 -4.36
C GLN B 669 3.40 -22.06 -3.28
N LYS B 670 4.61 -21.88 -2.76
CA LYS B 670 4.85 -20.86 -1.76
C LYS B 670 4.81 -19.48 -2.39
N GLN B 671 3.63 -18.88 -2.50
CA GLN B 671 3.54 -17.54 -3.08
C GLN B 671 4.05 -16.56 -2.04
N ARG B 672 5.19 -15.94 -2.34
CA ARG B 672 5.84 -15.03 -1.40
C ARG B 672 6.05 -13.71 -2.12
N GLN B 673 5.66 -12.63 -1.47
CA GLN B 673 5.68 -11.32 -2.13
C GLN B 673 7.09 -10.74 -2.04
N VAL B 674 7.76 -10.68 -3.18
CA VAL B 674 9.08 -10.05 -3.22
C VAL B 674 8.93 -8.54 -3.34
N THR B 675 8.01 -8.10 -4.19
CA THR B 675 7.70 -6.69 -4.38
C THR B 675 6.21 -6.60 -4.69
N SER B 676 5.70 -5.37 -4.74
CA SER B 676 4.28 -5.18 -4.98
C SER B 676 3.92 -5.59 -6.42
N LYS B 677 2.65 -5.94 -6.61
CA LYS B 677 2.15 -6.23 -7.94
C LYS B 677 2.38 -5.06 -8.88
N GLU B 678 2.28 -3.83 -8.37
CA GLU B 678 2.47 -2.64 -9.19
C GLU B 678 3.91 -2.52 -9.66
N ASN B 679 4.86 -2.64 -8.72
CA ASN B 679 6.27 -2.56 -9.10
C ASN B 679 6.66 -3.69 -10.04
N ALA B 680 6.08 -4.87 -9.87
CA ALA B 680 6.35 -5.96 -10.80
C ALA B 680 5.91 -5.58 -12.20
N PHE B 681 4.75 -4.94 -12.34
CA PHE B 681 4.29 -4.49 -13.64
C PHE B 681 5.24 -3.43 -14.21
N ILE B 682 5.59 -2.45 -13.39
CA ILE B 682 6.50 -1.39 -13.84
C ILE B 682 7.82 -1.99 -14.30
N MET B 683 8.34 -2.96 -13.54
CA MET B 683 9.62 -3.57 -13.90
C MET B 683 9.52 -4.37 -15.18
N ARG B 684 8.43 -5.11 -15.38
CA ARG B 684 8.25 -5.82 -16.63
C ARG B 684 8.17 -4.85 -17.81
N ASP B 685 7.51 -3.71 -17.62
CA ASP B 685 7.40 -2.75 -18.70
C ASP B 685 8.74 -2.07 -19.01
N ILE B 686 9.55 -1.83 -17.98
CA ILE B 686 10.88 -1.26 -18.21
C ILE B 686 11.71 -2.21 -19.07
N LEU B 687 11.75 -3.48 -18.68
CA LEU B 687 12.53 -4.47 -19.41
C LEU B 687 11.91 -4.84 -20.75
N LYS B 688 10.73 -4.33 -21.08
CA LYS B 688 10.17 -4.58 -22.40
C LYS B 688 10.95 -3.83 -23.47
N GLY B 689 11.57 -2.71 -23.11
CA GLY B 689 12.36 -1.92 -24.05
C GLY B 689 13.78 -2.38 -24.23
N VAL B 690 14.19 -3.47 -23.57
CA VAL B 690 15.55 -3.99 -23.66
C VAL B 690 15.77 -4.70 -24.99
N PRO B 691 14.86 -5.56 -25.48
CA PRO B 691 15.12 -6.21 -26.77
C PRO B 691 15.39 -5.25 -27.92
N ASP B 692 14.66 -4.13 -27.99
CA ASP B 692 14.90 -3.17 -29.06
C ASP B 692 16.26 -2.49 -28.95
N VAL B 693 16.82 -2.44 -27.74
CA VAL B 693 18.07 -1.72 -27.50
C VAL B 693 19.28 -2.65 -27.57
N MET B 694 19.16 -3.88 -27.06
CA MET B 694 20.31 -4.75 -26.90
C MET B 694 20.07 -6.21 -27.24
N ALA B 695 18.88 -6.60 -27.66
CA ALA B 695 18.58 -8.03 -27.77
C ALA B 695 17.53 -8.26 -28.84
N HIS B 696 17.85 -7.87 -30.08
CA HIS B 696 16.91 -8.10 -31.18
C HIS B 696 16.62 -9.58 -31.34
N GLY B 697 17.58 -10.45 -31.00
CA GLY B 697 17.37 -11.88 -31.13
C GLY B 697 16.32 -12.43 -30.20
N ALA B 698 15.95 -11.70 -29.15
CA ALA B 698 14.96 -12.17 -28.20
C ALA B 698 13.54 -11.81 -28.59
N LYS B 699 13.34 -10.92 -29.56
CA LYS B 699 12.01 -10.49 -29.95
C LYS B 699 11.25 -11.63 -30.62
N HIS B 700 9.97 -11.79 -30.24
CA HIS B 700 9.04 -12.79 -30.73
C HIS B 700 8.00 -12.15 -31.64
N PRO B 701 7.60 -12.83 -32.72
CA PRO B 701 6.69 -12.18 -33.69
C PRO B 701 5.34 -11.77 -33.12
N THR B 702 4.70 -12.61 -32.32
CA THR B 702 3.32 -12.37 -31.90
C THR B 702 3.12 -12.30 -30.40
N ILE B 703 4.15 -12.54 -29.59
CA ILE B 703 4.02 -12.58 -28.13
C ILE B 703 5.07 -11.65 -27.53
N GLU B 704 4.64 -10.80 -26.60
CA GLU B 704 5.52 -9.80 -26.02
C GLU B 704 6.62 -10.44 -25.20
N VAL B 705 7.82 -9.83 -25.26
CA VAL B 705 9.01 -10.34 -24.60
C VAL B 705 9.60 -9.24 -23.73
N SER B 706 9.87 -9.56 -22.48
CA SER B 706 10.52 -8.65 -21.55
C SER B 706 11.68 -9.40 -20.88
N GLY B 707 12.83 -8.74 -20.76
CA GLY B 707 13.97 -9.40 -20.15
C GLY B 707 15.14 -8.45 -19.99
N LYS B 708 16.25 -9.01 -19.50
CA LYS B 708 17.49 -8.27 -19.27
C LYS B 708 18.66 -9.07 -19.83
N THR B 709 19.61 -8.36 -20.43
CA THR B 709 20.82 -8.97 -20.95
C THR B 709 21.91 -8.94 -19.88
N GLY B 710 22.88 -9.83 -20.02
CA GLY B 710 24.03 -9.85 -19.15
C GLY B 710 25.28 -10.35 -19.82
N THR B 711 26.22 -9.45 -20.06
CA THR B 711 27.56 -9.79 -20.54
C THR B 711 28.56 -9.43 -19.46
N THR B 712 29.31 -10.43 -18.98
CA THR B 712 30.26 -10.20 -17.91
C THR B 712 31.58 -9.67 -18.46
N ASP B 713 32.48 -9.32 -17.55
CA ASP B 713 33.77 -8.73 -17.91
C ASP B 713 34.51 -9.60 -18.91
N ASP B 714 34.99 -8.98 -19.99
CA ASP B 714 35.76 -9.62 -21.05
C ASP B 714 34.95 -10.65 -21.83
N VAL B 715 33.61 -10.53 -21.81
CA VAL B 715 32.70 -11.45 -22.47
C VAL B 715 32.94 -12.86 -21.96
N GLN B 716 33.11 -12.99 -20.64
CA GLN B 716 33.30 -14.31 -20.05
C GLN B 716 31.99 -15.11 -20.05
N ASP B 717 30.88 -14.42 -19.82
CA ASP B 717 29.55 -15.02 -19.83
C ASP B 717 28.61 -14.16 -20.66
N SER B 718 27.67 -14.82 -21.33
CA SER B 718 26.59 -14.12 -22.02
C SER B 718 25.28 -14.65 -21.46
N TRP B 719 24.42 -13.74 -21.01
CA TRP B 719 23.17 -14.08 -20.37
C TRP B 719 22.02 -13.37 -21.03
N PHE B 720 20.84 -13.98 -20.97
CA PHE B 720 19.58 -13.26 -21.11
C PHE B 720 18.54 -13.98 -20.26
N VAL B 721 17.91 -13.25 -19.35
CA VAL B 721 16.85 -13.80 -18.52
C VAL B 721 15.63 -12.89 -18.65
N GLY B 722 14.50 -13.48 -18.96
CA GLY B 722 13.30 -12.71 -19.17
C GLY B 722 12.07 -13.59 -19.14
N PHE B 723 10.98 -13.05 -19.68
CA PHE B 723 9.70 -13.74 -19.60
C PHE B 723 8.76 -13.21 -20.66
N THR B 724 7.87 -14.08 -21.10
CA THR B 724 6.68 -13.73 -21.85
C THR B 724 5.47 -13.83 -20.94
N PRO B 725 4.28 -13.44 -21.40
CA PRO B 725 3.06 -13.69 -20.60
C PRO B 725 2.89 -15.15 -20.20
N TYR B 726 3.61 -16.06 -20.86
CA TYR B 726 3.42 -17.49 -20.68
C TYR B 726 4.47 -18.10 -19.75
N TYR B 727 5.74 -18.08 -20.14
CA TYR B 727 6.80 -18.73 -19.39
C TYR B 727 7.93 -17.74 -19.11
N THR B 728 8.74 -18.09 -18.11
CA THR B 728 9.96 -17.37 -17.78
C THR B 728 11.15 -18.24 -18.16
N ILE B 729 12.10 -17.66 -18.89
CA ILE B 729 13.21 -18.39 -19.47
C ILE B 729 14.52 -17.68 -19.14
N GLY B 730 15.57 -18.46 -18.89
CA GLY B 730 16.91 -17.95 -18.69
C GLY B 730 17.94 -18.73 -19.48
N THR B 731 18.80 -18.03 -20.23
CA THR B 731 19.79 -18.68 -21.10
C THR B 731 21.18 -18.13 -20.81
N TRP B 732 22.14 -19.05 -20.61
CA TRP B 732 23.53 -18.69 -20.42
C TRP B 732 24.38 -19.36 -21.50
N ILE B 733 25.40 -18.63 -21.97
CA ILE B 733 26.41 -19.17 -22.88
C ILE B 733 27.78 -18.77 -22.36
N GLY B 734 28.71 -19.70 -22.39
CA GLY B 734 30.08 -19.42 -21.99
C GLY B 734 30.92 -20.66 -22.13
N PHE B 735 32.22 -20.48 -21.95
CA PHE B 735 33.15 -21.60 -21.97
C PHE B 735 33.29 -22.16 -20.56
N ASP B 736 33.34 -23.50 -20.47
CA ASP B 736 33.42 -24.14 -19.16
C ASP B 736 34.65 -23.67 -18.39
N ASN B 737 35.77 -23.52 -19.08
CA ASN B 737 36.97 -22.94 -18.50
C ASN B 737 36.88 -21.44 -18.70
N GLN B 738 36.67 -20.70 -17.60
CA GLN B 738 36.44 -19.26 -17.67
C GLN B 738 37.61 -18.49 -18.25
N HIS B 739 38.78 -19.12 -18.39
CA HIS B 739 39.90 -18.45 -19.05
C HIS B 739 39.65 -18.25 -20.52
N ILE B 740 38.91 -19.16 -21.14
CA ILE B 740 38.46 -18.98 -22.52
C ILE B 740 37.24 -18.06 -22.50
N LYS B 741 37.25 -17.05 -23.37
CA LYS B 741 36.17 -16.08 -23.46
C LYS B 741 35.42 -16.25 -24.77
N LEU B 742 34.41 -15.42 -24.98
CA LEU B 742 33.63 -15.42 -26.20
C LEU B 742 34.08 -14.26 -27.07
N ASN B 743 34.14 -14.49 -28.38
CA ASN B 743 34.48 -13.45 -29.33
C ASN B 743 33.26 -12.84 -29.99
N ASN B 744 32.09 -13.00 -29.39
CA ASN B 744 30.81 -12.51 -29.90
C ASN B 744 30.20 -11.64 -28.80
N ASN B 745 30.55 -10.36 -28.80
CA ASN B 745 29.91 -9.41 -27.87
C ASN B 745 28.68 -8.75 -28.49
N ASN B 746 27.83 -9.55 -29.12
CA ASN B 746 26.58 -9.04 -29.66
C ASN B 746 25.39 -9.74 -29.03
N SER B 747 25.41 -9.90 -27.71
CA SER B 747 24.32 -10.49 -26.93
C SER B 747 23.90 -11.84 -27.51
N MET B 748 24.86 -12.76 -27.65
CA MET B 748 24.56 -13.99 -28.35
C MET B 748 23.68 -14.92 -27.51
N ALA B 749 23.66 -14.76 -26.19
CA ALA B 749 22.72 -15.53 -25.38
C ALA B 749 21.30 -15.09 -25.63
N ALA B 750 21.08 -13.79 -25.84
CA ALA B 750 19.75 -13.31 -26.18
C ALA B 750 19.30 -13.85 -27.53
N THR B 751 20.23 -14.00 -28.47
CA THR B 751 19.89 -14.62 -29.75
C THR B 751 19.42 -16.05 -29.55
N LEU B 752 20.14 -16.82 -28.74
CA LEU B 752 19.74 -18.19 -28.44
C LEU B 752 18.45 -18.22 -27.62
N TRP B 753 18.32 -17.28 -26.67
CA TRP B 753 17.10 -17.19 -25.88
C TRP B 753 15.87 -17.08 -26.75
N GLY B 754 15.96 -16.30 -27.83
CA GLY B 754 14.86 -16.20 -28.77
C GLY B 754 14.56 -17.51 -29.45
N LYS B 755 15.59 -18.27 -29.78
CA LYS B 755 15.38 -19.59 -30.38
C LYS B 755 14.71 -20.55 -29.40
N VAL B 756 15.12 -20.50 -28.13
CA VAL B 756 14.46 -21.29 -27.10
C VAL B 756 13.02 -20.84 -26.92
N ASN B 757 12.81 -19.52 -26.81
CA ASN B 757 11.48 -18.99 -26.56
C ASN B 757 10.50 -19.33 -27.68
N ARG B 758 10.96 -19.29 -28.94
CA ARG B 758 10.09 -19.63 -30.05
C ARG B 758 9.69 -21.10 -30.01
N ILE B 759 10.56 -21.97 -29.51
CA ILE B 759 10.20 -23.37 -29.34
C ILE B 759 9.23 -23.55 -28.19
N VAL B 760 9.47 -22.85 -27.07
CA VAL B 760 8.61 -23.00 -25.89
C VAL B 760 7.19 -22.51 -26.20
N LEU B 761 7.06 -21.48 -27.03
CA LEU B 761 5.79 -20.83 -27.28
C LEU B 761 5.07 -21.37 -28.52
N GLU B 762 5.48 -22.53 -29.01
CA GLU B 762 4.88 -23.06 -30.23
C GLU B 762 3.42 -23.38 -29.99
N GLY B 763 2.55 -22.88 -30.88
CA GLY B 763 1.12 -23.10 -30.76
C GLY B 763 0.38 -22.15 -29.85
N LYS B 764 1.08 -21.35 -29.05
CA LYS B 764 0.42 -20.41 -28.14
C LYS B 764 -0.15 -19.22 -28.90
N GLU B 765 -1.31 -18.74 -28.46
CA GLU B 765 -1.98 -17.63 -29.12
C GLU B 765 -1.19 -16.34 -28.92
N PRO B 766 -1.35 -15.37 -29.83
CA PRO B 766 -0.72 -14.06 -29.62
C PRO B 766 -1.23 -13.42 -28.34
N LYS B 767 -0.31 -12.89 -27.54
CA LYS B 767 -0.69 -12.33 -26.25
C LYS B 767 0.27 -11.22 -25.86
N LYS B 768 -0.26 -10.25 -25.13
CA LYS B 768 0.51 -9.17 -24.54
C LYS B 768 0.52 -9.34 -23.03
N PHE B 769 1.47 -8.66 -22.39
CA PHE B 769 1.51 -8.66 -20.94
C PHE B 769 0.24 -8.02 -20.39
N ASP B 770 -0.13 -8.43 -19.17
CA ASP B 770 -1.33 -7.91 -18.53
C ASP B 770 -1.20 -6.39 -18.33
N GLY B 771 -2.35 -5.72 -18.40
CA GLY B 771 -2.40 -4.28 -18.26
C GLY B 771 -2.10 -3.84 -16.83
N PRO B 772 -2.06 -2.53 -16.64
CA PRO B 772 -1.77 -2.00 -15.30
C PRO B 772 -2.90 -2.25 -14.33
N SER B 773 -2.52 -2.44 -13.07
CA SER B 773 -3.50 -2.57 -11.99
C SER B 773 -4.19 -1.22 -11.75
N GLU B 774 -5.22 -1.25 -10.91
CA GLU B 774 -5.95 -0.03 -10.58
C GLU B 774 -5.19 0.86 -9.59
N ASN B 775 -4.02 0.42 -9.13
CA ASN B 775 -3.18 1.20 -8.22
C ASN B 775 -1.97 1.81 -8.93
N ILE B 776 -2.09 2.03 -10.25
CA ILE B 776 -1.03 2.65 -11.03
C ILE B 776 -1.64 3.81 -11.80
N ILE B 777 -1.00 4.98 -11.69
CA ILE B 777 -1.44 6.17 -12.39
C ILE B 777 -0.31 6.58 -13.35
N ARG B 778 -0.70 7.28 -14.40
CA ARG B 778 0.27 7.81 -15.36
C ARG B 778 0.29 9.33 -15.25
N LYS B 779 1.48 9.91 -15.35
CA LYS B 779 1.65 11.34 -15.23
C LYS B 779 2.65 11.82 -16.26
N TYR B 780 2.41 13.02 -16.77
CA TYR B 780 3.32 13.67 -17.71
C TYR B 780 4.42 14.35 -16.92
N VAL B 781 5.62 13.77 -16.93
CA VAL B 781 6.70 14.20 -16.06
C VAL B 781 7.91 14.52 -16.92
N SER B 782 8.84 15.27 -16.35
CA SER B 782 10.02 15.73 -17.06
C SER B 782 11.16 14.74 -16.89
N ILE B 783 11.85 14.44 -17.99
CA ILE B 783 12.94 13.49 -17.97
C ILE B 783 14.15 14.05 -17.23
N ARG B 784 14.27 15.37 -17.16
CA ARG B 784 15.44 15.98 -16.51
C ARG B 784 15.40 15.77 -15.01
N THR B 785 14.26 16.01 -14.38
CA THR B 785 14.05 15.71 -12.97
C THR B 785 13.09 14.51 -12.87
N GLY B 786 12.10 14.52 -12.01
CA GLY B 786 11.05 13.51 -12.01
C GLY B 786 9.73 14.19 -11.82
N LEU B 787 9.78 15.51 -11.70
CA LEU B 787 8.64 16.33 -11.32
C LEU B 787 7.69 16.52 -12.50
N LEU B 788 6.44 16.88 -12.17
CA LEU B 788 5.41 17.07 -13.19
C LEU B 788 5.85 18.10 -14.22
N ALA B 789 5.82 17.72 -15.49
CA ALA B 789 6.22 18.60 -16.56
C ALA B 789 5.07 19.51 -16.97
N THR B 790 5.40 20.76 -17.21
CA THR B 790 4.47 21.73 -17.79
C THR B 790 4.88 22.01 -19.22
N GLU B 791 4.06 22.79 -19.92
CA GLU B 791 4.44 23.22 -21.26
C GLU B 791 5.72 24.04 -21.19
N GLY B 792 6.57 23.90 -22.20
CA GLY B 792 7.88 24.50 -22.19
C GLY B 792 8.96 23.65 -21.56
N THR B 793 8.59 22.52 -20.96
CA THR B 793 9.60 21.57 -20.48
C THR B 793 10.27 20.91 -21.67
N GLU B 794 11.59 20.82 -21.64
CA GLU B 794 12.36 20.28 -22.75
C GLU B 794 11.98 18.84 -23.06
N LYS B 795 12.39 17.91 -22.20
CA LYS B 795 12.13 16.49 -22.39
C LYS B 795 11.11 16.03 -21.36
N ALA B 796 10.03 15.41 -21.84
CA ALA B 796 8.96 14.97 -20.96
C ALA B 796 8.20 13.81 -21.60
N ILE B 797 7.84 12.82 -20.80
CA ILE B 797 7.04 11.68 -21.24
C ILE B 797 5.99 11.36 -20.18
N TYR B 798 5.08 10.48 -20.54
CA TYR B 798 4.16 9.87 -19.60
C TYR B 798 4.79 8.60 -19.04
N GLU B 799 4.83 8.49 -17.72
CA GLU B 799 5.45 7.35 -17.04
C GLU B 799 4.47 6.72 -16.07
N TYR B 800 4.65 5.43 -15.82
CA TYR B 800 3.87 4.73 -14.82
C TYR B 800 4.37 5.07 -13.42
N PHE B 801 3.43 5.31 -12.51
CA PHE B 801 3.75 5.53 -11.11
C PHE B 801 2.80 4.73 -10.24
N VAL B 802 3.33 4.17 -9.15
CA VAL B 802 2.46 3.60 -8.13
C VAL B 802 1.68 4.72 -7.48
N LYS B 803 0.36 4.54 -7.38
CA LYS B 803 -0.49 5.59 -6.83
C LYS B 803 -0.01 6.00 -5.44
N GLY B 804 0.32 7.27 -5.28
CA GLY B 804 0.92 7.78 -4.08
C GLY B 804 2.40 8.10 -4.20
N THR B 805 3.01 7.77 -5.35
CA THR B 805 4.41 8.06 -5.60
C THR B 805 4.62 9.03 -6.75
N GLU B 806 3.55 9.41 -7.45
CA GLU B 806 3.69 10.37 -8.54
C GLU B 806 3.96 11.76 -7.99
N PRO B 807 4.68 12.59 -8.73
CA PRO B 807 4.97 13.95 -8.23
C PRO B 807 3.71 14.80 -8.17
N THR B 808 3.65 15.64 -7.14
CA THR B 808 2.52 16.55 -6.96
C THR B 808 2.84 17.98 -7.32
N LYS B 809 4.13 18.34 -7.37
CA LYS B 809 4.56 19.69 -7.71
C LYS B 809 5.10 19.71 -9.14
N TYR B 810 5.26 20.91 -9.66
CA TYR B 810 5.65 21.11 -11.06
C TYR B 810 7.11 21.53 -11.16
N GLU B 811 7.71 21.23 -12.31
CA GLU B 811 9.12 21.50 -12.57
C GLU B 811 9.47 22.97 -12.36
MG MG C . -25.70 15.33 -0.81
C1 EDO D . -23.93 19.35 16.74
O1 EDO D . -24.58 18.11 17.04
C2 EDO D . -24.00 19.64 15.25
O2 EDO D . -23.18 18.71 14.52
N1 EPE E . -34.27 34.41 19.25
C2 EPE E . -34.74 35.80 19.37
C3 EPE E . -34.49 36.34 20.76
N4 EPE E . -34.77 35.39 21.81
C5 EPE E . -34.65 33.95 21.59
C6 EPE E . -35.00 33.54 20.17
C7 EPE E . -34.54 35.83 23.17
C8 EPE E . -35.09 37.23 23.39
O8 EPE E . -36.49 37.27 23.16
C9 EPE E . -34.53 33.97 17.88
C10 EPE E . -33.45 34.56 16.99
S EPE E . -32.90 33.44 15.68
O1S EPE E . -31.49 33.69 15.39
O2S EPE E . -33.08 32.05 16.10
O3S EPE E . -33.72 33.66 14.50
CL CL F . -38.22 42.79 17.02
C1 EDO G . -9.52 39.33 11.59
O1 EDO G . -8.93 38.03 11.63
C2 EDO G . -10.49 39.42 10.41
O2 EDO G . -9.82 38.93 9.24
MG MG H . 26.02 -19.02 1.29
C1 EDO I . 24.87 -21.54 -16.37
O1 EDO I . 25.69 -22.71 -16.47
C2 EDO I . 24.71 -21.15 -14.92
O2 EDO I . 23.94 -22.15 -14.25
N1 EPE J . 26.38 -5.21 -24.14
C2 EPE J . 27.70 -4.94 -24.72
C3 EPE J . 27.68 -5.22 -26.22
N4 EPE J . 26.55 -4.64 -26.92
C5 EPE J . 25.28 -4.58 -26.22
C6 EPE J . 25.43 -4.28 -24.74
C7 EPE J . 26.45 -4.78 -28.36
C8 EPE J . 27.50 -3.99 -29.13
O8 EPE J . 28.81 -4.43 -28.83
C9 EPE J . 26.50 -4.91 -22.70
C10 EPE J . 25.12 -4.79 -22.06
S EPE J . 25.10 -5.51 -20.40
O1S EPE J . 25.94 -6.71 -20.38
O2S EPE J . 23.74 -5.90 -20.04
O3S EPE J . 25.62 -4.54 -19.45
CL CL K . 24.98 4.60 -24.48
C1 EDO L . 1.75 -11.96 -17.47
O1 EDO L . 1.85 -13.33 -17.03
C2 EDO L . 2.30 -10.99 -16.42
O2 EDO L . 1.74 -11.28 -15.13
#